data_5O5Z
#
_entry.id   5O5Z
#
_cell.length_a   96.282
_cell.length_b   97.835
_cell.length_c   113.534
_cell.angle_alpha   90.00
_cell.angle_beta   90.00
_cell.angle_gamma   90.00
#
_symmetry.space_group_name_H-M   'P 21 21 21'
#
loop_
_entity.id
_entity.type
_entity.pdbx_description
1 polymer 'ADP-dependent glucokinase,ADP-dependent glucokinase,ADP-dependent glucokinase'
2 non-polymer GLYCEROL
3 non-polymer 'SULFATE ION'
4 non-polymer "5'-O-[(R)-HYDROXY(THIOPHOSPHONOOXY)PHOSPHORYL]ADENOSINE"
5 non-polymer alpha-D-glucopyranose
6 water water
#
_entity_poly.entity_id   1
_entity_poly.type   'polypeptide(L)'
_entity_poly.pdbx_seq_one_letter_code
;MKESLKDRIRLWKRLYVNAFENALNAIPNVKGVLLAYNTNIDAIKYLDADDLEKRVTEKGKEKVFEIIENPPEKISSIEE
LLGGILRSIKLGKAMEWFVESEEVRRYLREWGWDELRIGGQAGIMANLLGGVYRIPTIVHVPQNPKLQAELFVDGPIYVP
VFEGNKLKLVHPKDAIAEEEELIHYIYEFPRGFQVFDVQAPRENRFIANADDYNARVYMRREFREGFEEITRNVELAIIS
GLQVLKEYYPDGTTYKDVLDRVESHLNILNRYNVKSHFEFAYTANRRVREALVELLPKFTSVGLNEVELASIMEIIGDEE
LAKEVLEGHIFSVIDAMNVLMDETGIERIHFHTYGYYLALTQGGGRQLAFVPTKIVASPKSTVGIGDTISSSAFVSEFGG
GGGVRDALLFASLAAAAKAMKGNLERIEQIRDALSVPTNERAIVLEEELEKEFTEFENGLIDMV
;
_entity_poly.pdbx_strand_id   A,B
#
loop_
_chem_comp.id
_chem_comp.type
_chem_comp.name
_chem_comp.formula
AT4 non-polymer 5'-O-[(R)-HYDROXY(THIOPHOSPHONOOXY)PHOSPHORYL]ADENOSINE 'C10 H15 N5 O9 P2 S'
GLC D-saccharide, alpha linking alpha-D-glucopyranose 'C6 H12 O6'
GOL non-polymer GLYCEROL 'C3 H8 O3'
SO4 non-polymer 'SULFATE ION' 'O4 S -2'
#
# COMPACT_ATOMS: atom_id res chain seq x y z
N MET A 1 -11.21 16.86 -10.11
CA MET A 1 -10.56 16.20 -11.29
C MET A 1 -10.67 17.08 -12.52
N LYS A 2 -9.52 17.38 -13.13
CA LYS A 2 -9.50 18.20 -14.33
C LYS A 2 -10.01 17.41 -15.53
N GLU A 3 -10.67 18.11 -16.46
CA GLU A 3 -11.24 17.47 -17.62
C GLU A 3 -10.18 16.76 -18.45
N SER A 4 -8.94 17.26 -18.44
CA SER A 4 -7.85 16.59 -19.13
C SER A 4 -7.68 15.16 -18.66
N LEU A 5 -7.97 14.88 -17.40
CA LEU A 5 -7.86 13.52 -16.87
C LEU A 5 -9.13 12.70 -17.07
N LYS A 6 -10.29 13.34 -17.02
CA LYS A 6 -11.54 12.63 -17.26
C LYS A 6 -11.59 12.07 -18.69
N ASP A 7 -11.07 12.83 -19.65
CA ASP A 7 -11.04 12.34 -21.03
C ASP A 7 -10.07 11.16 -21.18
N ARG A 8 -8.90 11.24 -20.54
CA ARG A 8 -7.96 10.13 -20.61
C ARG A 8 -8.56 8.86 -20.02
N ILE A 9 -9.32 9.01 -18.94
CA ILE A 9 -9.99 7.85 -18.34
C ILE A 9 -10.96 7.23 -19.35
N ARG A 10 -11.74 8.07 -20.03
CA ARG A 10 -12.63 7.57 -21.07
C ARG A 10 -11.86 6.83 -22.16
N LEU A 11 -10.73 7.38 -22.59
CA LEU A 11 -9.96 6.75 -23.67
C LEU A 11 -9.42 5.40 -23.23
N TRP A 12 -8.86 5.29 -22.01
CA TRP A 12 -8.28 4.02 -21.59
C TRP A 12 -9.34 2.95 -21.40
N LYS A 13 -10.56 3.34 -20.98
CA LYS A 13 -11.64 2.37 -20.89
C LYS A 13 -11.93 1.73 -22.24
N ARG A 14 -11.89 2.52 -23.31
CA ARG A 14 -12.16 1.96 -24.64
C ARG A 14 -11.00 1.09 -25.11
N LEU A 15 -9.75 1.52 -24.85
CA LEU A 15 -8.59 0.73 -25.27
C LEU A 15 -8.59 -0.62 -24.57
N TYR A 16 -8.98 -0.66 -23.29
CA TYR A 16 -9.01 -1.92 -22.57
C TYR A 16 -10.05 -2.88 -23.15
N VAL A 17 -11.24 -2.37 -23.47
CA VAL A 17 -12.28 -3.22 -24.06
C VAL A 17 -11.81 -3.78 -25.40
N ASN A 18 -11.22 -2.94 -26.25
CA ASN A 18 -10.76 -3.40 -27.55
C ASN A 18 -9.58 -4.36 -27.41
N ALA A 19 -8.68 -4.09 -26.46
CA ALA A 19 -7.55 -4.99 -26.25
C ALA A 19 -8.03 -6.37 -25.81
N PHE A 20 -9.13 -6.45 -25.07
CA PHE A 20 -9.64 -7.75 -24.66
C PHE A 20 -10.31 -8.46 -25.84
N GLU A 21 -11.07 -7.73 -26.64
CA GLU A 21 -11.61 -8.31 -27.88
C GLU A 21 -10.50 -8.85 -28.77
N ASN A 22 -9.47 -8.03 -29.02
CA ASN A 22 -8.38 -8.46 -29.89
C ASN A 22 -7.71 -9.72 -29.36
N ALA A 23 -7.49 -9.78 -28.04
CA ALA A 23 -6.83 -10.96 -27.46
C ALA A 23 -7.68 -12.20 -27.60
N LEU A 24 -9.00 -12.08 -27.41
CA LEU A 24 -9.88 -13.23 -27.55
C LEU A 24 -9.84 -13.80 -28.97
N ASN A 25 -9.57 -12.96 -29.97
CA ASN A 25 -9.58 -13.41 -31.35
C ASN A 25 -8.23 -13.91 -31.83
N ALA A 26 -7.13 -13.48 -31.21
CA ALA A 26 -5.79 -13.85 -31.67
C ALA A 26 -5.23 -15.07 -30.96
N ILE A 27 -5.54 -15.25 -29.68
CA ILE A 27 -5.03 -16.36 -28.88
C ILE A 27 -5.36 -17.69 -29.56
N PRO A 28 -6.55 -17.87 -30.14
CA PRO A 28 -6.82 -19.14 -30.84
C PRO A 28 -5.93 -19.39 -32.04
N ASN A 29 -5.18 -18.39 -32.50
CA ASN A 29 -4.34 -18.54 -33.68
C ASN A 29 -2.92 -19.02 -33.36
N VAL A 30 -2.60 -19.21 -32.09
CA VAL A 30 -1.27 -19.67 -31.69
C VAL A 30 -1.21 -21.18 -31.87
N LYS A 31 -0.31 -21.63 -32.77
CA LYS A 31 -0.23 -23.05 -33.06
C LYS A 31 0.14 -23.86 -31.83
N GLY A 32 1.02 -23.32 -31.00
CA GLY A 32 1.44 -24.03 -29.80
C GLY A 32 2.50 -23.24 -29.07
N VAL A 33 2.63 -23.55 -27.77
CA VAL A 33 3.59 -22.88 -26.91
C VAL A 33 4.42 -23.95 -26.18
N LEU A 34 5.74 -23.75 -26.16
CA LEU A 34 6.66 -24.61 -25.43
C LEU A 34 7.06 -23.93 -24.12
N LEU A 35 6.98 -24.67 -23.01
CA LEU A 35 7.24 -24.13 -21.68
C LEU A 35 8.31 -24.97 -20.99
N ALA A 36 9.40 -24.32 -20.58
CA ALA A 36 10.50 -25.00 -19.92
C ALA A 36 11.26 -24.00 -19.07
N TYR A 37 11.95 -24.47 -18.03
CA TYR A 37 12.19 -25.89 -17.71
C TYR A 37 11.64 -26.34 -16.35
N ASN A 38 11.22 -25.38 -15.50
CA ASN A 38 11.01 -25.66 -14.08
C ASN A 38 9.55 -25.99 -13.81
N THR A 39 9.29 -27.23 -13.45
CA THR A 39 7.98 -27.67 -12.97
C THR A 39 8.19 -28.48 -11.69
N ASN A 40 7.34 -28.27 -10.70
CA ASN A 40 7.45 -28.98 -9.44
C ASN A 40 6.10 -29.02 -8.76
N ILE A 41 6.09 -29.46 -7.51
CA ILE A 41 4.89 -29.57 -6.70
C ILE A 41 5.02 -28.58 -5.56
N ASP A 42 3.93 -27.88 -5.25
CA ASP A 42 3.87 -26.96 -4.12
C ASP A 42 2.88 -27.49 -3.09
N ALA A 43 3.38 -27.80 -1.90
CA ALA A 43 2.58 -28.31 -0.80
C ALA A 43 2.40 -27.17 0.21
N ILE A 44 1.15 -26.78 0.44
CA ILE A 44 0.82 -25.68 1.33
C ILE A 44 0.27 -26.26 2.63
N LYS A 45 0.87 -25.87 3.74
CA LYS A 45 0.36 -26.19 5.06
C LYS A 45 0.11 -24.91 5.82
N TYR A 46 -1.10 -24.77 6.36
CA TYR A 46 -1.44 -23.67 7.27
C TYR A 46 -1.10 -24.13 8.68
N LEU A 47 -0.06 -23.55 9.26
CA LEU A 47 0.48 -24.03 10.52
C LEU A 47 -0.55 -23.96 11.64
N ASP A 48 -0.57 -25.00 12.47
CA ASP A 48 -1.37 -25.07 13.67
C ASP A 48 -0.45 -24.97 14.88
N ALA A 49 -0.73 -24.02 15.77
CA ALA A 49 0.17 -23.76 16.90
C ALA A 49 0.40 -25.02 17.72
N ASP A 50 -0.67 -25.70 18.11
CA ASP A 50 -0.54 -26.88 18.96
C ASP A 50 0.29 -27.96 18.29
N ASP A 51 -0.04 -28.29 17.03
CA ASP A 51 0.73 -29.29 16.29
C ASP A 51 2.21 -28.94 16.29
N LEU A 52 2.54 -27.69 15.98
CA LEU A 52 3.93 -27.27 15.90
C LEU A 52 4.60 -27.37 17.27
N GLU A 53 3.91 -26.94 18.33
CA GLU A 53 4.47 -27.03 19.67
C GLU A 53 4.75 -28.47 20.08
N LYS A 54 3.83 -29.39 19.72
CA LYS A 54 4.07 -30.80 20.03
C LYS A 54 5.33 -31.29 19.33
N ARG A 55 5.52 -30.92 18.07
CA ARG A 55 6.66 -31.42 17.30
C ARG A 55 7.97 -30.81 17.81
N VAL A 56 7.95 -29.52 18.17
CA VAL A 56 9.14 -28.92 18.77
C VAL A 56 9.47 -29.60 20.09
N THR A 57 8.45 -29.80 20.94
CA THR A 57 8.68 -30.43 22.24
C THR A 57 9.19 -31.86 22.09
N GLU A 58 8.75 -32.56 21.05
CA GLU A 58 9.11 -33.97 20.91
C GLU A 58 10.57 -34.13 20.48
N LYS A 59 11.10 -33.18 19.71
CA LYS A 59 12.44 -33.29 19.17
C LYS A 59 13.50 -32.59 20.02
N GLY A 60 13.08 -31.76 20.98
CA GLY A 60 14.03 -31.05 21.82
C GLY A 60 13.86 -29.55 21.70
N LYS A 61 13.23 -28.93 22.71
CA LYS A 61 12.92 -27.51 22.62
C LYS A 61 14.18 -26.66 22.61
N GLU A 62 15.16 -27.00 23.46
CA GLU A 62 16.38 -26.19 23.51
C GLU A 62 17.15 -26.27 22.20
N LYS A 63 17.22 -27.47 21.59
CA LYS A 63 17.89 -27.60 20.30
C LYS A 63 17.25 -26.69 19.25
N VAL A 64 15.93 -26.70 19.17
CA VAL A 64 15.23 -25.90 18.18
C VAL A 64 15.48 -24.41 18.42
N PHE A 65 15.45 -24.00 19.69
CA PHE A 65 15.62 -22.58 20.00
C PHE A 65 17.07 -22.14 19.82
N GLU A 66 18.02 -23.05 20.05
CA GLU A 66 19.41 -22.76 19.70
C GLU A 66 19.54 -22.38 18.23
N ILE A 67 18.78 -23.06 17.37
CA ILE A 67 18.89 -22.89 15.93
C ILE A 67 18.32 -21.53 15.50
N ILE A 68 17.26 -21.07 16.18
CA ILE A 68 16.65 -19.79 15.81
C ILE A 68 17.72 -18.70 15.77
N GLU A 69 18.59 -18.66 16.79
CA GLU A 69 19.57 -17.60 16.90
C GLU A 69 20.87 -17.91 16.15
N ASN A 70 21.10 -19.18 15.81
CA ASN A 70 22.26 -19.61 15.03
C ASN A 70 21.77 -20.43 13.82
N PRO A 71 21.04 -19.80 12.89
CA PRO A 71 20.48 -20.53 11.75
C PRO A 71 21.58 -21.06 10.84
N PRO A 72 21.44 -22.29 10.33
CA PRO A 72 22.44 -22.84 9.39
C PRO A 72 22.07 -22.69 7.91
N GLU A 73 20.88 -22.17 7.60
CA GLU A 73 20.44 -21.95 6.22
C GLU A 73 20.49 -23.22 5.37
N LYS A 74 20.58 -24.38 6.02
CA LYS A 74 20.54 -25.67 5.33
C LYS A 74 19.93 -26.68 6.28
N ILE A 75 18.79 -27.25 5.90
CA ILE A 75 18.08 -28.18 6.77
C ILE A 75 18.79 -29.54 6.69
N SER A 76 19.49 -29.91 7.77
CA SER A 76 20.16 -31.18 7.88
C SER A 76 19.47 -32.14 8.85
N SER A 77 18.49 -31.66 9.60
CA SER A 77 17.83 -32.48 10.61
C SER A 77 16.46 -31.88 10.89
N ILE A 78 15.65 -32.64 11.63
CA ILE A 78 14.29 -32.19 11.92
C ILE A 78 14.29 -30.99 12.83
N GLU A 79 15.28 -30.88 13.73
CA GLU A 79 15.35 -29.72 14.61
C GLU A 79 15.72 -28.46 13.84
N GLU A 80 16.50 -28.60 12.76
CA GLU A 80 16.80 -27.44 11.91
C GLU A 80 15.58 -27.04 11.08
N LEU A 81 14.72 -28.00 10.73
CA LEU A 81 13.48 -27.67 10.06
C LEU A 81 12.57 -26.82 10.96
N LEU A 82 12.32 -27.31 12.17
CA LEU A 82 11.44 -26.59 13.08
C LEU A 82 12.04 -25.26 13.50
N GLY A 83 13.36 -25.24 13.76
CA GLY A 83 14.02 -23.99 14.11
C GLY A 83 13.88 -22.94 13.03
N GLY A 84 13.97 -23.36 11.76
CA GLY A 84 13.82 -22.41 10.67
C GLY A 84 12.41 -21.88 10.56
N ILE A 85 11.42 -22.75 10.75
CA ILE A 85 10.03 -22.30 10.75
C ILE A 85 9.80 -21.28 11.86
N LEU A 86 10.27 -21.58 13.07
CA LEU A 86 10.08 -20.66 14.18
C LEU A 86 10.79 -19.35 13.95
N ARG A 87 11.93 -19.36 13.24
CA ARG A 87 12.62 -18.12 12.96
C ARG A 87 11.84 -17.27 11.97
N SER A 88 11.29 -17.91 10.92
CA SER A 88 10.42 -17.19 10.00
C SER A 88 9.25 -16.55 10.73
N ILE A 89 8.76 -17.22 11.78
CA ILE A 89 7.68 -16.66 12.58
C ILE A 89 8.19 -15.46 13.37
N LYS A 90 9.23 -15.68 14.19
CA LYS A 90 9.75 -14.62 15.04
C LYS A 90 10.00 -13.33 14.27
N LEU A 91 10.60 -13.44 13.08
CA LEU A 91 10.96 -12.28 12.28
C LEU A 91 9.86 -11.86 11.32
N GLY A 92 8.83 -12.68 11.14
CA GLY A 92 7.87 -12.41 10.08
C GLY A 92 8.54 -12.26 8.74
N LYS A 93 9.49 -13.14 8.44
CA LYS A 93 10.37 -13.01 7.29
C LYS A 93 10.15 -14.19 6.34
N ALA A 94 10.05 -13.88 5.05
CA ALA A 94 9.96 -14.91 4.02
C ALA A 94 11.31 -15.62 3.91
N MET A 95 11.32 -16.93 4.15
CA MET A 95 12.55 -17.71 4.16
C MET A 95 12.35 -18.99 3.37
N GLU A 96 13.45 -19.49 2.80
CA GLU A 96 13.44 -20.76 2.10
C GLU A 96 14.80 -21.42 2.29
N TRP A 97 14.81 -22.60 2.90
CA TRP A 97 16.02 -23.37 3.11
C TRP A 97 15.94 -24.68 2.35
N PHE A 98 17.08 -25.14 1.83
CA PHE A 98 17.12 -26.40 1.13
C PHE A 98 17.27 -27.56 2.11
N VAL A 99 16.62 -28.68 1.78
CA VAL A 99 16.57 -29.85 2.65
C VAL A 99 17.56 -30.87 2.09
N GLU A 100 18.71 -31.01 2.74
CA GLU A 100 19.77 -31.90 2.27
C GLU A 100 19.76 -33.26 2.95
N SER A 101 18.68 -33.62 3.64
CA SER A 101 18.60 -34.86 4.41
C SER A 101 17.38 -35.64 3.97
N GLU A 102 17.60 -36.89 3.53
CA GLU A 102 16.49 -37.73 3.11
C GLU A 102 15.57 -38.04 4.28
N GLU A 103 16.11 -38.13 5.50
CA GLU A 103 15.29 -38.48 6.65
C GLU A 103 14.23 -37.43 6.91
N VAL A 104 14.59 -36.15 6.83
CA VAL A 104 13.61 -35.12 7.13
C VAL A 104 12.63 -34.97 5.97
N ARG A 105 13.05 -35.30 4.74
CA ARG A 105 12.12 -35.30 3.63
C ARG A 105 11.00 -36.30 3.87
N ARG A 106 11.32 -37.45 4.46
CA ARG A 106 10.28 -38.37 4.90
C ARG A 106 9.41 -37.73 5.97
N TYR A 107 10.03 -37.05 6.93
CA TYR A 107 9.29 -36.34 7.96
C TYR A 107 8.39 -35.27 7.35
N LEU A 108 8.90 -34.53 6.37
CA LEU A 108 8.09 -33.54 5.67
C LEU A 108 6.91 -34.20 4.97
N ARG A 109 7.19 -35.26 4.18
CA ARG A 109 6.13 -35.95 3.46
C ARG A 109 5.08 -36.49 4.43
N GLU A 110 5.53 -37.08 5.54
CA GLU A 110 4.60 -37.60 6.54
C GLU A 110 3.77 -36.48 7.14
N TRP A 111 4.40 -35.35 7.45
CA TRP A 111 3.70 -34.22 8.06
C TRP A 111 2.54 -33.76 7.21
N GLY A 112 2.64 -33.91 5.89
CA GLY A 112 1.51 -33.67 5.02
C GLY A 112 1.36 -32.22 4.62
N TRP A 113 0.16 -31.92 4.13
CA TRP A 113 -0.17 -30.58 3.63
C TRP A 113 -1.69 -30.44 3.61
N ASP A 114 -2.13 -29.20 3.50
CA ASP A 114 -3.55 -28.89 3.40
C ASP A 114 -3.99 -28.73 1.94
N GLU A 115 -3.16 -28.10 1.13
CA GLU A 115 -3.45 -27.84 -0.27
C GLU A 115 -2.24 -28.23 -1.11
N LEU A 116 -2.50 -28.87 -2.25
CA LEU A 116 -1.46 -29.28 -3.17
C LEU A 116 -1.67 -28.57 -4.50
N ARG A 117 -0.59 -27.99 -5.04
CA ARG A 117 -0.69 -27.04 -6.13
C ARG A 117 0.52 -27.20 -7.03
N ILE A 118 0.33 -27.02 -8.34
CA ILE A 118 1.45 -27.11 -9.26
C ILE A 118 2.40 -25.95 -9.00
N GLY A 119 3.70 -26.20 -9.20
CA GLY A 119 4.72 -25.19 -9.00
C GLY A 119 5.66 -25.12 -10.17
N GLY A 120 6.56 -24.14 -10.12
CA GLY A 120 7.47 -23.88 -11.21
C GLY A 120 6.85 -22.94 -12.22
N GLN A 121 7.64 -22.00 -12.73
CA GLN A 121 7.12 -21.06 -13.72
C GLN A 121 6.55 -21.79 -14.92
N ALA A 122 7.21 -22.85 -15.37
CA ALA A 122 6.69 -23.59 -16.52
C ALA A 122 5.40 -24.33 -16.17
N GLY A 123 5.29 -24.81 -14.93
CA GLY A 123 4.11 -25.55 -14.54
C GLY A 123 2.87 -24.67 -14.43
N ILE A 124 2.99 -23.53 -13.74
CA ILE A 124 1.83 -22.69 -13.53
C ILE A 124 1.34 -22.09 -14.84
N MET A 125 2.26 -21.82 -15.77
CA MET A 125 1.87 -21.28 -17.07
C MET A 125 1.29 -22.34 -17.99
N ALA A 126 1.61 -23.61 -17.76
CA ALA A 126 0.96 -24.67 -18.51
C ALA A 126 -0.53 -24.71 -18.18
N ASN A 127 -0.87 -24.55 -16.90
CA ASN A 127 -2.28 -24.52 -16.51
C ASN A 127 -2.98 -23.25 -16.99
N LEU A 128 -2.24 -22.15 -17.12
CA LEU A 128 -2.83 -20.91 -17.60
C LEU A 128 -3.01 -20.93 -19.12
N LEU A 129 -1.90 -21.01 -19.86
CA LEU A 129 -1.95 -20.96 -21.31
C LEU A 129 -2.75 -22.12 -21.88
N GLY A 130 -2.58 -23.31 -21.31
CA GLY A 130 -3.28 -24.47 -21.80
C GLY A 130 -4.67 -24.62 -21.21
N GLY A 131 -4.76 -24.50 -19.88
CA GLY A 131 -6.04 -24.72 -19.22
C GLY A 131 -7.02 -23.59 -19.43
N VAL A 132 -6.56 -22.35 -19.34
CA VAL A 132 -7.46 -21.19 -19.39
C VAL A 132 -7.55 -20.68 -20.82
N TYR A 133 -6.39 -20.36 -21.41
CA TYR A 133 -6.38 -19.79 -22.75
C TYR A 133 -6.62 -20.83 -23.84
N ARG A 134 -6.48 -22.12 -23.52
CA ARG A 134 -6.76 -23.19 -24.46
C ARG A 134 -5.77 -23.21 -25.63
N ILE A 135 -4.52 -22.85 -25.36
CA ILE A 135 -3.45 -22.92 -26.35
C ILE A 135 -2.76 -24.28 -26.21
N PRO A 136 -2.54 -25.02 -27.31
CA PRO A 136 -1.71 -26.24 -27.21
C PRO A 136 -0.37 -25.96 -26.57
N THR A 137 -0.09 -26.65 -25.46
CA THR A 137 1.08 -26.38 -24.65
C THR A 137 1.91 -27.65 -24.48
N ILE A 138 3.22 -27.51 -24.68
CA ILE A 138 4.17 -28.59 -24.40
C ILE A 138 5.05 -28.12 -23.25
N VAL A 139 4.96 -28.82 -22.11
CA VAL A 139 5.60 -28.38 -20.88
C VAL A 139 6.67 -29.39 -20.49
N HIS A 140 7.81 -28.87 -20.04
CA HIS A 140 8.88 -29.72 -19.51
C HIS A 140 8.61 -30.07 -18.06
N VAL A 141 8.51 -31.35 -17.77
CA VAL A 141 8.30 -31.86 -16.42
C VAL A 141 9.49 -32.76 -16.07
N PRO A 142 10.47 -32.26 -15.30
CA PRO A 142 11.66 -33.09 -15.00
C PRO A 142 11.33 -34.46 -14.46
N GLN A 143 10.49 -34.51 -13.41
CA GLN A 143 10.07 -35.73 -12.75
C GLN A 143 8.56 -35.71 -12.70
N ASN A 144 7.93 -36.77 -13.20
CA ASN A 144 6.48 -36.81 -13.36
C ASN A 144 5.91 -38.05 -12.70
N PRO A 145 6.08 -38.21 -11.38
CA PRO A 145 5.33 -39.23 -10.66
C PRO A 145 3.85 -38.85 -10.60
N LYS A 146 3.05 -39.81 -10.17
CA LYS A 146 1.60 -39.62 -10.13
C LYS A 146 1.22 -38.32 -9.42
N LEU A 147 1.85 -38.04 -8.27
CA LEU A 147 1.54 -36.83 -7.53
C LEU A 147 1.76 -35.58 -8.38
N GLN A 148 2.76 -35.59 -9.25
CA GLN A 148 3.06 -34.43 -10.10
C GLN A 148 2.08 -34.34 -11.26
N ALA A 149 1.75 -35.47 -11.87
CA ALA A 149 0.96 -35.47 -13.09
C ALA A 149 -0.47 -35.00 -12.83
N GLU A 150 -1.05 -35.43 -11.71
CA GLU A 150 -2.44 -35.09 -11.40
C GLU A 150 -2.67 -33.59 -11.17
N LEU A 151 -1.61 -32.80 -11.05
CA LEU A 151 -1.76 -31.39 -10.73
C LEU A 151 -2.02 -30.51 -11.96
N PHE A 152 -1.95 -31.06 -13.16
CA PHE A 152 -2.28 -30.31 -14.36
C PHE A 152 -3.78 -30.34 -14.60
N VAL A 153 -4.34 -29.18 -14.96
CA VAL A 153 -5.78 -29.08 -15.23
C VAL A 153 -6.08 -29.74 -16.57
N ASP A 154 -7.37 -29.93 -16.84
CA ASP A 154 -7.79 -30.51 -18.12
C ASP A 154 -7.64 -29.47 -19.23
N GLY A 155 -7.20 -29.94 -20.40
CA GLY A 155 -7.00 -29.08 -21.53
C GLY A 155 -5.88 -29.57 -22.42
N PRO A 156 -5.55 -28.78 -23.45
CA PRO A 156 -4.47 -29.17 -24.37
C PRO A 156 -3.08 -28.92 -23.78
N ILE A 157 -2.78 -29.64 -22.70
CA ILE A 157 -1.48 -29.64 -22.06
C ILE A 157 -0.83 -30.98 -22.35
N TYR A 158 0.39 -30.95 -22.89
CA TYR A 158 1.05 -32.14 -23.38
C TYR A 158 2.50 -32.22 -22.91
N VAL A 159 2.99 -33.44 -22.79
CA VAL A 159 4.42 -33.69 -22.55
C VAL A 159 4.91 -34.66 -23.61
N PRO A 160 6.20 -34.63 -23.95
CA PRO A 160 6.72 -35.62 -24.91
C PRO A 160 6.93 -36.97 -24.25
N VAL A 161 6.68 -38.03 -25.03
CA VAL A 161 6.90 -39.40 -24.60
C VAL A 161 7.42 -40.18 -25.79
N PHE A 162 8.31 -41.12 -25.53
CA PHE A 162 8.87 -41.90 -26.61
C PHE A 162 8.19 -43.24 -26.76
N GLU A 163 7.65 -43.54 -27.95
CA GLU A 163 7.06 -44.83 -28.20
C GLU A 163 8.18 -45.57 -28.88
N GLY A 164 9.06 -46.18 -28.10
CA GLY A 164 10.21 -46.84 -28.67
C GLY A 164 10.99 -45.73 -29.35
N ASN A 165 10.93 -45.64 -30.66
CA ASN A 165 11.62 -44.57 -31.37
C ASN A 165 10.75 -43.38 -31.84
N LYS A 166 9.43 -43.39 -31.68
CA LYS A 166 8.64 -42.25 -32.09
C LYS A 166 8.36 -41.37 -30.90
N LEU A 167 8.21 -40.09 -31.13
CA LEU A 167 7.89 -39.18 -30.07
C LEU A 167 6.41 -38.96 -30.13
N LYS A 168 5.76 -39.03 -28.99
CA LYS A 168 4.33 -38.83 -28.88
C LYS A 168 4.04 -37.75 -27.85
N LEU A 169 2.97 -37.00 -28.08
CA LEU A 169 2.54 -35.94 -27.18
C LEU A 169 1.24 -36.36 -26.50
N VAL A 170 1.26 -36.42 -25.17
CA VAL A 170 0.12 -36.90 -24.39
C VAL A 170 -0.05 -36.02 -23.16
N HIS A 171 -1.23 -36.08 -22.57
CA HIS A 171 -1.49 -35.34 -21.34
C HIS A 171 -0.60 -35.87 -20.23
N PRO A 172 -0.12 -35.01 -19.33
CA PRO A 172 0.78 -35.49 -18.26
C PRO A 172 0.22 -36.66 -17.46
N LYS A 173 -1.10 -36.72 -17.27
CA LYS A 173 -1.69 -37.81 -16.51
C LYS A 173 -1.56 -39.15 -17.23
N ASP A 174 -1.34 -39.14 -18.54
CA ASP A 174 -1.14 -40.35 -19.32
C ASP A 174 0.33 -40.70 -19.50
N ALA A 175 1.24 -39.94 -18.90
CA ALA A 175 2.68 -40.15 -19.04
C ALA A 175 3.33 -40.28 -17.68
N ILE A 176 2.64 -40.90 -16.73
CA ILE A 176 3.21 -41.07 -15.39
C ILE A 176 4.41 -42.00 -15.46
N ALA A 177 5.43 -41.69 -14.67
CA ALA A 177 6.67 -42.45 -14.63
C ALA A 177 7.08 -42.68 -13.18
N GLU A 178 7.92 -43.69 -12.97
CA GLU A 178 8.46 -43.96 -11.63
C GLU A 178 9.63 -43.01 -11.41
N GLU A 179 9.28 -41.78 -11.02
CA GLU A 179 10.23 -40.68 -10.88
C GLU A 179 10.01 -40.00 -9.54
N GLU A 180 10.89 -39.06 -9.22
CA GLU A 180 10.89 -38.43 -7.89
C GLU A 180 9.80 -37.38 -7.77
N GLU A 181 9.26 -37.24 -6.56
CA GLU A 181 8.34 -36.17 -6.24
C GLU A 181 9.15 -34.93 -5.86
N LEU A 182 9.00 -33.85 -6.64
CA LEU A 182 9.73 -32.61 -6.41
C LEU A 182 8.82 -31.64 -5.67
N ILE A 183 8.89 -31.65 -4.34
CA ILE A 183 7.94 -30.96 -3.48
C ILE A 183 8.64 -29.78 -2.81
N HIS A 184 7.99 -28.62 -2.85
CA HIS A 184 8.37 -27.46 -2.07
C HIS A 184 7.32 -27.28 -0.97
N TYR A 185 7.72 -27.53 0.28
CA TYR A 185 6.79 -27.48 1.41
C TYR A 185 6.70 -26.05 1.91
N ILE A 186 5.49 -25.47 1.84
CA ILE A 186 5.28 -24.06 2.14
C ILE A 186 4.42 -23.97 3.40
N TYR A 187 5.01 -23.44 4.47
CA TYR A 187 4.34 -23.35 5.76
C TYR A 187 3.96 -21.90 5.99
N GLU A 188 2.65 -21.62 5.90
CA GLU A 188 2.13 -20.27 6.03
C GLU A 188 1.58 -20.03 7.43
N PHE A 189 1.71 -18.78 7.89
CA PHE A 189 1.22 -18.37 9.20
C PHE A 189 0.76 -16.92 9.13
N PRO A 190 -0.29 -16.54 9.86
CA PRO A 190 -0.75 -15.14 9.84
C PRO A 190 -0.05 -14.27 10.86
N ARG A 191 -0.40 -12.98 10.87
CA ARG A 191 0.09 -12.08 11.91
C ARG A 191 -0.50 -12.49 13.25
N GLY A 192 0.35 -12.50 14.29
CA GLY A 192 -0.07 -12.89 15.62
C GLY A 192 0.09 -14.36 15.93
N PHE A 193 0.38 -15.20 14.93
CA PHE A 193 0.63 -16.61 15.16
C PHE A 193 1.70 -16.78 16.23
N GLN A 194 1.38 -17.55 17.26
CA GLN A 194 2.23 -17.65 18.42
C GLN A 194 2.60 -19.10 18.70
N VAL A 195 3.87 -19.32 19.03
CA VAL A 195 4.42 -20.62 19.38
C VAL A 195 5.38 -20.37 20.54
N PHE A 196 5.03 -20.88 21.72
CA PHE A 196 5.77 -20.57 22.95
C PHE A 196 5.75 -19.05 23.10
N ASP A 197 6.89 -18.37 23.18
CA ASP A 197 6.93 -16.92 23.25
C ASP A 197 7.28 -16.29 21.91
N VAL A 198 7.15 -17.03 20.82
CA VAL A 198 7.45 -16.54 19.48
C VAL A 198 6.15 -16.12 18.82
N GLN A 199 6.06 -14.85 18.44
CA GLN A 199 4.86 -14.30 17.84
C GLN A 199 5.21 -13.60 16.53
N ALA A 200 4.42 -13.83 15.51
CA ALA A 200 4.71 -13.29 14.18
C ALA A 200 4.34 -11.82 14.11
N PRO A 201 5.26 -10.92 13.75
CA PRO A 201 4.88 -9.52 13.55
C PRO A 201 4.07 -9.30 12.28
N ARG A 202 4.07 -10.26 11.36
CA ARG A 202 3.31 -10.13 10.12
C ARG A 202 3.10 -11.53 9.56
N GLU A 203 2.17 -11.64 8.62
CA GLU A 203 1.96 -12.91 7.94
C GLU A 203 3.15 -13.19 7.05
N ASN A 204 3.49 -14.46 6.90
CA ASN A 204 4.59 -14.83 6.01
C ASN A 204 4.64 -16.35 5.92
N ARG A 205 5.71 -16.84 5.32
CA ARG A 205 5.86 -18.24 5.08
C ARG A 205 7.27 -18.71 5.05
N PHE A 206 7.43 -19.96 5.43
CA PHE A 206 8.70 -20.65 5.39
C PHE A 206 8.60 -21.78 4.38
N ILE A 207 9.64 -21.96 3.57
CA ILE A 207 9.64 -22.93 2.49
C ILE A 207 10.78 -23.91 2.72
N ALA A 208 10.43 -25.20 2.80
CA ALA A 208 11.41 -26.28 2.86
C ALA A 208 11.53 -26.88 1.46
N ASN A 209 12.64 -26.59 0.78
CA ASN A 209 12.84 -27.02 -0.60
C ASN A 209 13.47 -28.42 -0.62
N ALA A 210 12.72 -29.39 -1.12
CA ALA A 210 13.16 -30.78 -1.21
C ALA A 210 13.23 -31.24 -2.67
N ASP A 211 13.72 -30.39 -3.57
CA ASP A 211 13.74 -30.64 -5.01
C ASP A 211 15.17 -30.52 -5.54
N ASP A 212 15.79 -31.67 -5.81
CA ASP A 212 17.17 -31.70 -6.30
C ASP A 212 17.26 -31.41 -7.80
N TYR A 213 16.20 -31.68 -8.54
CA TYR A 213 16.29 -31.66 -10.00
C TYR A 213 16.14 -30.25 -10.56
N ASN A 214 15.10 -29.52 -10.17
CA ASN A 214 14.98 -28.15 -10.67
C ASN A 214 16.11 -27.26 -10.18
N ALA A 215 16.71 -27.61 -9.02
CA ALA A 215 17.88 -26.88 -8.55
C ALA A 215 19.08 -27.00 -9.49
N ARG A 216 19.14 -28.06 -10.28
CA ARG A 216 20.20 -28.24 -11.27
C ARG A 216 19.69 -28.02 -12.70
N VAL A 217 18.45 -27.57 -12.87
CA VAL A 217 17.84 -27.45 -14.18
C VAL A 217 17.98 -28.79 -14.90
N TYR A 218 17.57 -29.86 -14.23
CA TYR A 218 17.53 -31.18 -14.85
C TYR A 218 16.64 -31.16 -16.10
N MET A 219 17.11 -31.80 -17.15
CA MET A 219 16.35 -31.95 -18.39
C MET A 219 16.09 -33.43 -18.62
N ARG A 220 14.83 -33.77 -18.84
CA ARG A 220 14.46 -35.16 -19.07
C ARG A 220 14.84 -35.58 -20.49
N ARG A 221 14.96 -36.90 -20.68
CA ARG A 221 15.52 -37.45 -21.91
C ARG A 221 14.73 -37.01 -23.14
N GLU A 222 13.39 -37.02 -23.05
CA GLU A 222 12.57 -36.63 -24.19
C GLU A 222 12.92 -35.23 -24.68
N PHE A 223 13.30 -34.33 -23.79
CA PHE A 223 13.62 -32.96 -24.18
C PHE A 223 15.05 -32.83 -24.71
N ARG A 224 15.93 -33.77 -24.39
CA ARG A 224 17.29 -33.73 -24.91
C ARG A 224 17.43 -34.48 -26.23
N GLU A 225 16.65 -35.54 -26.44
CA GLU A 225 16.75 -36.36 -27.63
C GLU A 225 15.61 -36.12 -28.61
N GLY A 226 14.59 -35.36 -28.23
CA GLY A 226 13.46 -35.13 -29.11
C GLY A 226 13.07 -33.67 -29.21
N PHE A 227 14.02 -32.78 -28.91
CA PHE A 227 13.69 -31.36 -28.91
C PHE A 227 13.29 -30.88 -30.29
N GLU A 228 13.99 -31.35 -31.34
CA GLU A 228 13.68 -30.91 -32.68
C GLU A 228 12.24 -31.26 -33.06
N GLU A 229 11.83 -32.50 -32.79
CA GLU A 229 10.45 -32.89 -33.04
C GLU A 229 9.48 -32.04 -32.23
N ILE A 230 9.85 -31.71 -30.99
CA ILE A 230 8.98 -30.88 -30.16
C ILE A 230 8.85 -29.49 -30.76
N THR A 231 9.96 -28.91 -31.24
CA THR A 231 9.93 -27.56 -31.74
C THR A 231 9.01 -27.43 -32.95
N ARG A 232 8.85 -28.49 -33.73
CA ARG A 232 7.98 -28.41 -34.91
C ARG A 232 6.51 -28.24 -34.54
N ASN A 233 6.13 -28.55 -33.32
CA ASN A 233 4.73 -28.49 -32.89
C ASN A 233 4.36 -27.17 -32.25
N VAL A 234 5.29 -26.22 -32.14
CA VAL A 234 5.05 -24.99 -31.40
C VAL A 234 5.45 -23.79 -32.24
N GLU A 235 4.78 -22.68 -31.99
CA GLU A 235 5.11 -21.39 -32.59
C GLU A 235 5.83 -20.46 -31.63
N LEU A 236 5.62 -20.62 -30.33
CA LEU A 236 6.22 -19.76 -29.32
C LEU A 236 6.87 -20.61 -28.22
N ALA A 237 7.80 -20.01 -27.52
CA ALA A 237 8.46 -20.67 -26.39
C ALA A 237 8.70 -19.66 -25.28
N ILE A 238 8.48 -20.09 -24.04
CA ILE A 238 8.77 -19.30 -22.85
C ILE A 238 9.73 -20.11 -21.99
N ILE A 239 10.88 -19.52 -21.68
CA ILE A 239 11.96 -20.20 -20.96
C ILE A 239 12.09 -19.59 -19.57
N SER A 240 12.31 -20.44 -18.58
CA SER A 240 12.44 -20.00 -17.20
C SER A 240 13.18 -21.05 -16.39
N GLY A 241 13.46 -20.72 -15.13
CA GLY A 241 14.05 -21.64 -14.19
C GLY A 241 15.56 -21.55 -14.05
N LEU A 242 16.22 -20.75 -14.88
CA LEU A 242 17.68 -20.71 -14.88
C LEU A 242 18.25 -19.81 -13.79
N GLN A 243 17.40 -19.10 -13.04
CA GLN A 243 17.89 -18.22 -11.99
C GLN A 243 18.56 -18.98 -10.84
N VAL A 244 18.40 -20.30 -10.78
CA VAL A 244 18.94 -21.09 -9.68
C VAL A 244 20.39 -21.50 -9.89
N LEU A 245 20.88 -21.48 -11.13
CA LEU A 245 22.18 -22.06 -11.45
C LEU A 245 23.28 -21.50 -10.54
N LYS A 246 24.09 -22.42 -10.01
CA LYS A 246 25.29 -22.06 -9.29
C LYS A 246 26.48 -22.07 -10.25
N GLU A 247 27.56 -21.41 -9.82
CA GLU A 247 28.76 -21.36 -10.65
C GLU A 247 29.48 -22.70 -10.68
N TYR A 248 29.52 -23.40 -9.54
CA TYR A 248 30.13 -24.71 -9.44
C TYR A 248 29.21 -25.62 -8.65
N TYR A 249 29.29 -26.92 -8.92
CA TYR A 249 28.51 -27.93 -8.23
C TYR A 249 29.44 -28.99 -7.67
N PRO A 250 29.01 -29.74 -6.64
CA PRO A 250 29.91 -30.70 -6.01
C PRO A 250 30.49 -31.73 -6.95
N ASP A 251 29.72 -32.18 -7.93
CA ASP A 251 30.18 -33.19 -8.88
C ASP A 251 31.06 -32.62 -9.98
N GLY A 252 31.47 -31.35 -9.88
CA GLY A 252 32.27 -30.73 -10.91
C GLY A 252 31.49 -29.99 -11.97
N THR A 253 30.18 -30.21 -12.05
CA THR A 253 29.36 -29.49 -13.01
C THR A 253 29.45 -27.99 -12.77
N THR A 254 29.25 -27.21 -13.83
CA THR A 254 29.20 -25.77 -13.76
C THR A 254 27.91 -25.28 -14.39
N TYR A 255 27.62 -23.98 -14.20
CA TYR A 255 26.48 -23.37 -14.85
C TYR A 255 26.61 -23.48 -16.37
N LYS A 256 27.84 -23.44 -16.88
CA LYS A 256 28.05 -23.43 -18.32
C LYS A 256 27.59 -24.73 -18.97
N ASP A 257 27.63 -25.83 -18.22
CA ASP A 257 27.14 -27.10 -18.76
C ASP A 257 25.64 -27.07 -19.01
N VAL A 258 24.88 -26.36 -18.18
CA VAL A 258 23.44 -26.22 -18.40
C VAL A 258 23.16 -25.22 -19.50
N LEU A 259 23.86 -24.08 -19.49
CA LEU A 259 23.64 -23.07 -20.52
C LEU A 259 24.07 -23.55 -21.89
N ASP A 260 25.02 -24.49 -21.98
CA ASP A 260 25.34 -25.09 -23.28
C ASP A 260 24.11 -25.80 -23.84
N ARG A 261 23.45 -26.63 -23.03
CA ARG A 261 22.23 -27.28 -23.48
C ARG A 261 21.15 -26.27 -23.84
N VAL A 262 20.97 -25.25 -23.00
CA VAL A 262 19.96 -24.23 -23.28
C VAL A 262 20.27 -23.52 -24.59
N GLU A 263 21.54 -23.20 -24.82
CA GLU A 263 21.91 -22.53 -26.06
C GLU A 263 21.62 -23.40 -27.27
N SER A 264 21.82 -24.71 -27.15
CA SER A 264 21.48 -25.62 -28.24
C SER A 264 19.98 -25.60 -28.52
N HIS A 265 19.16 -25.57 -27.46
CA HIS A 265 17.73 -25.49 -27.66
C HIS A 265 17.33 -24.19 -28.35
N LEU A 266 17.98 -23.08 -28.00
CA LEU A 266 17.70 -21.82 -28.67
C LEU A 266 18.08 -21.88 -30.15
N ASN A 267 19.22 -22.52 -30.48
CA ASN A 267 19.62 -22.65 -31.87
C ASN A 267 18.59 -23.42 -32.67
N ILE A 268 18.03 -24.49 -32.10
CA ILE A 268 16.96 -25.23 -32.76
C ILE A 268 15.73 -24.34 -32.92
N LEU A 269 15.33 -23.64 -31.85
CA LEU A 269 14.17 -22.76 -31.91
C LEU A 269 14.32 -21.72 -33.02
N ASN A 270 15.46 -21.04 -33.07
CA ASN A 270 15.67 -20.01 -34.08
C ASN A 270 15.76 -20.60 -35.49
N ARG A 271 16.15 -21.86 -35.61
CA ARG A 271 16.18 -22.49 -36.92
C ARG A 271 14.78 -22.67 -37.48
N TYR A 272 13.81 -23.00 -36.60
CA TYR A 272 12.42 -23.09 -36.99
C TYR A 272 11.67 -21.77 -36.82
N ASN A 273 12.38 -20.69 -36.52
CA ASN A 273 11.79 -19.35 -36.39
C ASN A 273 10.75 -19.28 -35.27
N VAL A 274 10.91 -20.13 -34.24
CA VAL A 274 10.05 -20.04 -33.07
C VAL A 274 10.42 -18.80 -32.27
N LYS A 275 9.42 -18.02 -31.89
CA LYS A 275 9.65 -16.82 -31.09
C LYS A 275 9.78 -17.20 -29.62
N SER A 276 10.85 -16.72 -29.00
CA SER A 276 11.20 -17.14 -27.65
C SER A 276 11.12 -15.95 -26.70
N HIS A 277 10.74 -16.24 -25.46
CA HIS A 277 10.62 -15.24 -24.41
C HIS A 277 11.32 -15.78 -23.17
N PHE A 278 12.28 -15.01 -22.65
CA PHE A 278 13.02 -15.40 -21.45
C PHE A 278 12.49 -14.67 -20.23
N GLU A 279 12.18 -15.42 -19.18
CA GLU A 279 11.76 -14.86 -17.89
C GLU A 279 13.01 -14.68 -17.02
N PHE A 280 13.51 -13.44 -16.95
CA PHE A 280 14.77 -13.16 -16.27
C PHE A 280 14.52 -12.91 -14.77
N ALA A 281 14.23 -13.99 -14.07
CA ALA A 281 14.05 -13.89 -12.62
C ALA A 281 15.37 -13.55 -11.95
N TYR A 282 15.29 -13.03 -10.73
CA TYR A 282 16.48 -12.60 -10.00
C TYR A 282 17.46 -13.76 -9.85
N THR A 283 18.70 -13.51 -10.27
CA THR A 283 19.75 -14.53 -10.29
C THR A 283 20.85 -14.11 -9.32
N ALA A 284 20.93 -14.81 -8.19
CA ALA A 284 21.82 -14.40 -7.11
C ALA A 284 23.27 -14.34 -7.58
N ASN A 285 23.75 -15.43 -8.19
CA ASN A 285 25.13 -15.47 -8.67
C ASN A 285 25.34 -14.42 -9.76
N ARG A 286 26.28 -13.50 -9.53
CA ARG A 286 26.53 -12.42 -10.49
C ARG A 286 27.07 -12.96 -11.80
N ARG A 287 27.92 -13.99 -11.75
CA ARG A 287 28.52 -14.50 -12.98
C ARG A 287 27.47 -15.19 -13.84
N VAL A 288 26.64 -16.04 -13.23
CA VAL A 288 25.54 -16.67 -13.97
C VAL A 288 24.65 -15.60 -14.58
N ARG A 289 24.32 -14.57 -13.81
CA ARG A 289 23.53 -13.46 -14.33
C ARG A 289 24.19 -12.84 -15.55
N GLU A 290 25.52 -12.75 -15.55
CA GLU A 290 26.24 -12.19 -16.68
C GLU A 290 26.14 -13.11 -17.90
N ALA A 291 26.22 -14.42 -17.69
CA ALA A 291 26.10 -15.36 -18.80
C ALA A 291 24.71 -15.34 -19.38
N LEU A 292 23.68 -15.09 -18.56
CA LEU A 292 22.32 -15.03 -19.07
C LEU A 292 22.11 -13.79 -19.93
N VAL A 293 22.69 -12.65 -19.54
CA VAL A 293 22.66 -11.48 -20.40
C VAL A 293 23.31 -11.79 -21.74
N GLU A 294 24.43 -12.53 -21.71
CA GLU A 294 25.12 -12.88 -22.94
C GLU A 294 24.32 -13.84 -23.79
N LEU A 295 23.31 -14.50 -23.23
CA LEU A 295 22.48 -15.44 -23.98
C LEU A 295 21.21 -14.80 -24.54
N LEU A 296 20.89 -13.57 -24.16
CA LEU A 296 19.67 -12.90 -24.58
C LEU A 296 19.64 -12.55 -26.06
N PRO A 297 20.79 -12.31 -26.72
CA PRO A 297 20.74 -12.06 -28.16
C PRO A 297 20.06 -13.16 -28.95
N LYS A 298 19.99 -14.38 -28.42
CA LYS A 298 19.34 -15.49 -29.10
C LYS A 298 17.86 -15.59 -28.78
N PHE A 299 17.38 -14.76 -27.86
CA PHE A 299 15.96 -14.68 -27.52
C PHE A 299 15.29 -13.57 -28.32
N THR A 300 14.00 -13.78 -28.60
CA THR A 300 13.18 -12.72 -29.20
C THR A 300 12.81 -11.66 -28.17
N SER A 301 12.39 -12.09 -26.98
CA SER A 301 11.81 -11.21 -25.98
C SER A 301 12.34 -11.56 -24.60
N VAL A 302 12.28 -10.58 -23.70
CA VAL A 302 12.65 -10.78 -22.30
C VAL A 302 11.66 -10.02 -21.44
N GLY A 303 11.31 -10.59 -20.30
CA GLY A 303 10.42 -9.96 -19.34
C GLY A 303 11.09 -9.84 -17.98
N LEU A 304 10.83 -8.73 -17.30
CA LEU A 304 11.42 -8.52 -15.98
C LEU A 304 10.66 -7.41 -15.26
N ASN A 305 10.93 -7.29 -13.96
CA ASN A 305 10.29 -6.29 -13.10
C ASN A 305 11.36 -5.37 -12.52
N GLU A 306 10.94 -4.50 -11.60
CA GLU A 306 11.85 -3.47 -11.08
C GLU A 306 13.05 -4.12 -10.36
N VAL A 307 12.81 -5.21 -9.63
CA VAL A 307 13.91 -5.88 -8.94
C VAL A 307 14.86 -6.53 -9.94
N GLU A 308 14.29 -7.22 -10.93
CA GLU A 308 15.10 -7.99 -11.86
C GLU A 308 15.88 -7.07 -12.81
N LEU A 309 15.28 -5.95 -13.20
CA LEU A 309 15.99 -5.00 -14.06
C LEU A 309 17.07 -4.27 -13.29
N ALA A 310 16.79 -3.88 -12.04
CA ALA A 310 17.81 -3.27 -11.21
C ALA A 310 18.97 -4.23 -10.98
N SER A 311 18.68 -5.52 -10.80
CA SER A 311 19.71 -6.52 -10.61
C SER A 311 20.60 -6.64 -11.85
N ILE A 312 20.03 -6.44 -13.03
CA ILE A 312 20.82 -6.50 -14.26
C ILE A 312 21.66 -5.24 -14.44
N MET A 313 21.12 -4.08 -14.04
CA MET A 313 21.90 -2.85 -14.12
C MET A 313 23.10 -2.86 -13.18
N GLU A 314 23.09 -3.74 -12.17
CA GLU A 314 24.23 -3.86 -11.28
C GLU A 314 25.49 -4.33 -12.02
N ILE A 315 25.33 -4.95 -13.19
CA ILE A 315 26.46 -5.56 -13.89
C ILE A 315 26.67 -5.00 -15.29
N ILE A 316 25.72 -4.25 -15.85
CA ILE A 316 25.94 -3.57 -17.12
C ILE A 316 25.55 -2.10 -17.06
N GLY A 317 25.08 -1.59 -15.93
CA GLY A 317 24.77 -0.18 -15.77
C GLY A 317 25.60 0.47 -14.68
N ASP A 318 24.98 1.35 -13.89
CA ASP A 318 25.63 1.96 -12.75
C ASP A 318 24.76 1.77 -11.52
N GLU A 319 25.40 1.84 -10.35
CA GLU A 319 24.71 1.58 -9.09
C GLU A 319 23.58 2.60 -8.86
N GLU A 320 23.81 3.86 -9.23
CA GLU A 320 22.77 4.88 -9.03
C GLU A 320 21.53 4.57 -9.85
N LEU A 321 21.72 4.24 -11.13
CA LEU A 321 20.59 3.91 -11.98
C LEU A 321 19.82 2.71 -11.43
N ALA A 322 20.54 1.70 -10.95
CA ALA A 322 19.88 0.52 -10.39
C ALA A 322 19.00 0.90 -9.21
N LYS A 323 19.50 1.75 -8.31
CA LYS A 323 18.71 2.13 -7.14
C LYS A 323 17.43 2.86 -7.54
N GLU A 324 17.45 3.59 -8.65
CA GLU A 324 16.25 4.29 -9.09
C GLU A 324 15.30 3.36 -9.83
N VAL A 325 15.83 2.44 -10.65
CA VAL A 325 15.00 1.43 -11.28
C VAL A 325 14.26 0.62 -10.23
N LEU A 326 14.95 0.30 -9.12
CA LEU A 326 14.33 -0.51 -8.08
C LEU A 326 13.06 0.13 -7.55
N GLU A 327 13.00 1.46 -7.55
CA GLU A 327 11.83 2.18 -7.06
C GLU A 327 10.82 2.48 -8.15
N GLY A 328 11.07 2.03 -9.38
CA GLY A 328 10.13 2.22 -10.46
C GLY A 328 10.10 3.60 -11.05
N HIS A 329 11.12 4.42 -10.81
CA HIS A 329 11.19 5.74 -11.44
C HIS A 329 11.24 5.56 -12.96
N ILE A 330 10.17 5.96 -13.65
CA ILE A 330 9.94 5.50 -15.01
C ILE A 330 11.08 5.90 -15.94
N PHE A 331 11.61 7.11 -15.77
CA PHE A 331 12.67 7.56 -16.67
C PHE A 331 13.94 6.74 -16.50
N SER A 332 14.33 6.46 -15.25
CA SER A 332 15.46 5.57 -15.02
C SER A 332 15.17 4.17 -15.55
N VAL A 333 13.92 3.72 -15.48
CA VAL A 333 13.57 2.42 -16.04
C VAL A 333 13.78 2.44 -17.55
N ILE A 334 13.29 3.48 -18.22
CA ILE A 334 13.44 3.56 -19.67
C ILE A 334 14.91 3.53 -20.07
N ASP A 335 15.76 4.24 -19.31
CA ASP A 335 17.19 4.21 -19.60
C ASP A 335 17.73 2.80 -19.43
N ALA A 336 17.42 2.15 -18.32
CA ALA A 336 17.88 0.78 -18.09
C ALA A 336 17.42 -0.16 -19.20
N MET A 337 16.23 0.06 -19.75
CA MET A 337 15.75 -0.79 -20.82
C MET A 337 16.54 -0.57 -22.10
N ASN A 338 16.90 0.69 -22.39
CA ASN A 338 17.73 0.97 -23.55
C ASN A 338 19.16 0.48 -23.34
N VAL A 339 19.66 0.53 -22.11
CA VAL A 339 20.98 -0.02 -21.82
C VAL A 339 20.98 -1.53 -22.02
N LEU A 340 19.88 -2.20 -21.66
CA LEU A 340 19.80 -3.64 -21.85
C LEU A 340 19.69 -3.98 -23.33
N MET A 341 18.92 -3.20 -24.09
CA MET A 341 18.81 -3.44 -25.52
C MET A 341 20.09 -3.09 -26.25
N ASP A 342 20.78 -2.02 -25.82
CA ASP A 342 22.07 -1.68 -26.41
C ASP A 342 23.09 -2.78 -26.17
N GLU A 343 23.05 -3.41 -24.99
CA GLU A 343 24.03 -4.44 -24.65
C GLU A 343 23.76 -5.77 -25.35
N THR A 344 22.51 -6.04 -25.73
CA THR A 344 22.11 -7.33 -26.26
C THR A 344 21.55 -7.28 -27.67
N GLY A 345 20.94 -6.16 -28.07
CA GLY A 345 20.30 -6.10 -29.37
C GLY A 345 19.02 -6.89 -29.46
N ILE A 346 18.44 -7.26 -28.32
CA ILE A 346 17.22 -8.06 -28.31
C ILE A 346 16.07 -7.25 -28.92
N GLU A 347 15.09 -7.96 -29.46
CA GLU A 347 14.01 -7.33 -30.21
C GLU A 347 12.94 -6.74 -29.30
N ARG A 348 12.74 -7.30 -28.10
CA ARG A 348 11.61 -6.93 -27.28
C ARG A 348 11.96 -7.06 -25.80
N ILE A 349 11.70 -6.00 -25.04
CA ILE A 349 11.88 -5.98 -23.59
C ILE A 349 10.56 -5.56 -22.98
N HIS A 350 10.02 -6.37 -22.07
CA HIS A 350 8.77 -6.09 -21.39
C HIS A 350 9.05 -5.90 -19.91
N PHE A 351 8.82 -4.70 -19.41
CA PHE A 351 9.00 -4.35 -18.01
C PHE A 351 7.62 -4.18 -17.36
N HIS A 352 7.45 -4.78 -16.18
CA HIS A 352 6.21 -4.63 -15.43
C HIS A 352 6.52 -4.27 -13.98
N THR A 353 5.77 -3.29 -13.46
CA THR A 353 5.85 -2.90 -12.07
C THR A 353 4.45 -2.52 -11.60
N TYR A 354 4.36 -2.09 -10.34
CA TYR A 354 3.10 -1.67 -9.75
C TYR A 354 2.62 -0.38 -10.42
N GLY A 355 1.54 -0.45 -11.18
CA GLY A 355 0.89 0.72 -11.73
C GLY A 355 0.97 0.84 -13.24
N TYR A 356 2.03 0.28 -13.86
CA TYR A 356 2.23 0.49 -15.28
C TYR A 356 3.18 -0.57 -15.82
N TYR A 357 3.03 -0.88 -17.11
CA TYR A 357 3.96 -1.71 -17.86
C TYR A 357 4.66 -0.88 -18.92
N LEU A 358 5.82 -1.37 -19.35
CA LEU A 358 6.56 -0.77 -20.45
C LEU A 358 7.03 -1.87 -21.37
N ALA A 359 6.98 -1.59 -22.67
CA ALA A 359 7.52 -2.49 -23.68
C ALA A 359 8.41 -1.68 -24.61
N LEU A 360 9.69 -2.05 -24.67
CA LEU A 360 10.63 -1.46 -25.63
C LEU A 360 10.86 -2.47 -26.73
N THR A 361 10.51 -2.11 -27.95
CA THR A 361 10.68 -2.99 -29.07
C THR A 361 11.45 -2.24 -30.10
N GLN A 362 12.16 -2.97 -30.92
CA GLN A 362 12.90 -2.34 -31.95
C GLN A 362 12.76 -3.11 -33.23
N GLY A 363 13.09 -2.43 -34.30
CA GLY A 363 13.04 -2.97 -35.64
C GLY A 363 13.28 -1.73 -36.44
N GLY A 364 12.20 -1.10 -36.88
CA GLY A 364 12.29 0.14 -37.61
C GLY A 364 12.16 1.18 -36.54
N GLY A 365 13.26 1.46 -35.85
CA GLY A 365 13.29 2.43 -34.76
C GLY A 365 12.90 1.81 -33.43
N ARG A 366 13.39 2.37 -32.34
CA ARG A 366 13.01 1.84 -31.05
C ARG A 366 11.69 2.47 -30.72
N GLN A 367 10.72 1.66 -30.33
CA GLN A 367 9.39 2.14 -30.01
C GLN A 367 9.06 1.75 -28.58
N LEU A 368 8.56 2.72 -27.80
CA LEU A 368 8.21 2.50 -26.41
C LEU A 368 6.69 2.52 -26.29
N ALA A 369 6.17 1.54 -25.55
CA ALA A 369 4.73 1.43 -25.30
C ALA A 369 4.49 1.43 -23.80
N PHE A 370 3.43 2.11 -23.37
CA PHE A 370 3.14 2.34 -21.96
C PHE A 370 1.67 2.14 -21.70
N VAL A 371 1.34 1.43 -20.62
CA VAL A 371 -0.04 1.26 -20.22
C VAL A 371 -0.19 1.44 -18.71
N PRO A 372 -1.23 2.12 -18.24
CA PRO A 372 -1.54 2.07 -16.81
C PRO A 372 -2.35 0.83 -16.50
N THR A 373 -2.02 0.19 -15.39
CA THR A 373 -2.57 -1.12 -15.09
C THR A 373 -3.82 -1.01 -14.21
N LYS A 374 -4.34 -2.17 -13.82
CA LYS A 374 -5.53 -2.27 -12.99
C LYS A 374 -5.15 -2.96 -11.69
N ILE A 375 -5.24 -2.23 -10.59
CA ILE A 375 -4.76 -2.70 -9.29
C ILE A 375 -5.96 -3.12 -8.45
N VAL A 376 -5.89 -4.32 -7.91
CA VAL A 376 -6.89 -4.82 -6.98
C VAL A 376 -6.48 -4.37 -5.58
N ALA A 377 -7.44 -3.87 -4.81
CA ALA A 377 -7.13 -3.35 -3.48
C ALA A 377 -6.68 -4.46 -2.54
N SER A 378 -7.33 -5.62 -2.60
CA SER A 378 -7.02 -6.74 -1.71
C SER A 378 -6.98 -8.02 -2.54
N PRO A 379 -5.81 -8.40 -3.04
CA PRO A 379 -5.72 -9.61 -3.87
C PRO A 379 -6.08 -10.86 -3.09
N LYS A 380 -6.79 -11.77 -3.75
CA LYS A 380 -7.02 -13.10 -3.17
C LYS A 380 -5.77 -13.95 -3.26
N SER A 381 -5.00 -13.80 -4.34
CA SER A 381 -3.73 -14.49 -4.51
C SER A 381 -2.77 -13.56 -5.25
N THR A 382 -1.49 -13.67 -4.90
CA THR A 382 -0.46 -12.85 -5.51
C THR A 382 0.67 -13.68 -6.13
N VAL A 383 0.57 -15.01 -6.08
CA VAL A 383 1.60 -15.87 -6.66
C VAL A 383 1.29 -16.08 -8.13
N GLY A 384 2.36 -16.11 -8.94
CA GLY A 384 2.23 -16.31 -10.37
C GLY A 384 1.72 -15.12 -11.16
N ILE A 385 1.43 -14.00 -10.49
CA ILE A 385 1.01 -12.79 -11.20
C ILE A 385 2.07 -12.34 -12.19
N GLY A 386 3.35 -12.33 -11.78
CA GLY A 386 4.40 -11.87 -12.67
C GLY A 386 4.55 -12.73 -13.91
N ASP A 387 4.53 -14.06 -13.72
CA ASP A 387 4.56 -14.97 -14.87
C ASP A 387 3.34 -14.75 -15.76
N THR A 388 2.17 -14.52 -15.15
CA THR A 388 0.96 -14.28 -15.94
C THR A 388 1.11 -13.03 -16.80
N ILE A 389 1.72 -11.99 -16.25
CA ILE A 389 1.87 -10.74 -16.99
C ILE A 389 2.79 -10.94 -18.19
N SER A 390 3.97 -11.54 -17.98
CA SER A 390 4.92 -11.73 -19.07
C SER A 390 4.37 -12.68 -20.13
N SER A 391 3.81 -13.80 -19.69
CA SER A 391 3.31 -14.80 -20.64
C SER A 391 2.11 -14.27 -21.42
N SER A 392 1.17 -13.61 -20.73
CA SER A 392 -0.03 -13.11 -21.40
C SER A 392 0.33 -12.08 -22.45
N ALA A 393 1.20 -11.13 -22.13
CA ALA A 393 1.59 -10.11 -23.10
C ALA A 393 2.34 -10.73 -24.27
N PHE A 394 3.21 -11.70 -24.01
CA PHE A 394 4.00 -12.30 -25.09
C PHE A 394 3.13 -13.11 -26.03
N VAL A 395 2.19 -13.89 -25.48
CA VAL A 395 1.35 -14.73 -26.33
C VAL A 395 0.34 -13.89 -27.09
N SER A 396 -0.17 -12.83 -26.47
CA SER A 396 -1.17 -11.98 -27.10
C SER A 396 -0.56 -11.21 -28.28
N GLU A 397 0.59 -10.58 -28.05
CA GLU A 397 1.23 -9.81 -29.12
C GLU A 397 1.58 -10.70 -30.30
N PHE A 398 2.48 -11.66 -30.08
CA PHE A 398 2.96 -12.52 -31.16
C PHE A 398 1.91 -13.50 -31.67
N GLY A 399 0.70 -13.48 -31.12
CA GLY A 399 -0.40 -14.19 -31.71
C GLY A 399 -1.20 -13.38 -32.72
N GLY A 400 -0.76 -12.15 -33.00
CA GLY A 400 -1.56 -11.22 -33.76
C GLY A 400 -2.63 -10.54 -32.94
N GLY A 401 -2.35 -10.26 -31.67
CA GLY A 401 -3.34 -9.78 -30.71
C GLY A 401 -3.68 -8.31 -30.76
N GLY A 402 -3.24 -7.58 -31.79
CA GLY A 402 -3.59 -6.19 -31.94
C GLY A 402 -2.44 -5.21 -31.75
N GLY A 403 -1.23 -5.69 -31.48
CA GLY A 403 -0.07 -4.82 -31.31
C GLY A 403 0.49 -4.93 -29.91
N VAL A 404 1.56 -4.16 -29.70
CA VAL A 404 2.31 -4.24 -28.44
C VAL A 404 1.49 -3.71 -27.28
N ARG A 405 0.93 -2.50 -27.43
CA ARG A 405 0.19 -1.91 -26.32
C ARG A 405 -1.07 -2.72 -26.02
N ASP A 406 -1.75 -3.21 -27.04
CA ASP A 406 -2.93 -4.04 -26.79
C ASP A 406 -2.57 -5.30 -26.03
N ALA A 407 -1.40 -5.87 -26.31
CA ALA A 407 -0.97 -7.05 -25.58
C ALA A 407 -0.68 -6.73 -24.13
N LEU A 408 -0.10 -5.56 -23.86
CA LEU A 408 0.11 -5.16 -22.47
C LEU A 408 -1.22 -4.96 -21.76
N LEU A 409 -2.18 -4.32 -22.42
CA LEU A 409 -3.49 -4.12 -21.81
C LEU A 409 -4.13 -5.44 -21.42
N PHE A 410 -4.04 -6.45 -22.29
CA PHE A 410 -4.60 -7.76 -21.97
C PHE A 410 -3.91 -8.34 -20.75
N ALA A 411 -2.58 -8.31 -20.72
CA ALA A 411 -1.84 -8.81 -19.57
C ALA A 411 -2.27 -8.11 -18.29
N SER A 412 -2.58 -6.82 -18.38
CA SER A 412 -3.05 -6.09 -17.20
C SER A 412 -4.40 -6.60 -16.75
N LEU A 413 -5.28 -6.96 -17.70
CA LEU A 413 -6.55 -7.56 -17.34
C LEU A 413 -6.36 -8.94 -16.73
N ALA A 414 -5.49 -9.75 -17.31
CA ALA A 414 -5.26 -11.10 -16.79
C ALA A 414 -4.67 -11.05 -15.39
N ALA A 415 -3.78 -10.08 -15.13
CA ALA A 415 -3.20 -9.94 -13.80
C ALA A 415 -4.26 -9.55 -12.78
N ALA A 416 -5.09 -8.57 -13.13
CA ALA A 416 -6.16 -8.15 -12.22
C ALA A 416 -7.16 -9.26 -11.98
N ALA A 417 -7.50 -10.01 -13.04
CA ALA A 417 -8.47 -11.08 -12.90
C ALA A 417 -7.97 -12.17 -11.96
N LYS A 418 -6.72 -12.60 -12.15
CA LYS A 418 -6.16 -13.63 -11.28
C LYS A 418 -6.11 -13.15 -9.83
N ALA A 419 -5.82 -11.87 -9.61
CA ALA A 419 -5.71 -11.35 -8.26
C ALA A 419 -7.07 -11.32 -7.56
N MET A 420 -8.12 -10.86 -8.26
CA MET A 420 -9.42 -10.71 -7.63
C MET A 420 -10.16 -12.03 -7.50
N LYS A 421 -9.88 -13.00 -8.37
CA LYS A 421 -10.53 -14.31 -8.30
C LYS A 421 -9.63 -15.41 -7.77
N GLY A 422 -8.34 -15.15 -7.55
CA GLY A 422 -7.44 -16.15 -7.03
C GLY A 422 -6.91 -17.06 -8.11
N ASN A 423 -7.78 -17.89 -8.69
CA ASN A 423 -7.39 -18.85 -9.71
C ASN A 423 -8.37 -18.78 -10.87
N LEU A 424 -7.82 -18.66 -12.08
CA LEU A 424 -8.63 -18.58 -13.29
C LEU A 424 -8.89 -19.97 -13.84
N GLU A 425 -10.09 -20.16 -14.38
CA GLU A 425 -10.48 -21.41 -15.01
C GLU A 425 -10.71 -21.27 -16.50
N ARG A 426 -11.34 -20.19 -16.95
CA ARG A 426 -11.56 -19.96 -18.37
C ARG A 426 -11.36 -18.49 -18.70
N ILE A 427 -10.99 -18.24 -19.96
CA ILE A 427 -10.57 -16.90 -20.37
C ILE A 427 -11.73 -15.90 -20.26
N GLU A 428 -12.97 -16.38 -20.38
CA GLU A 428 -14.10 -15.47 -20.25
C GLU A 428 -14.07 -14.70 -18.95
N GLN A 429 -13.54 -15.31 -17.88
CA GLN A 429 -13.55 -14.66 -16.57
C GLN A 429 -12.75 -13.37 -16.57
N ILE A 430 -11.72 -13.28 -17.41
CA ILE A 430 -10.88 -12.09 -17.47
C ILE A 430 -11.71 -10.86 -17.80
N ARG A 431 -12.85 -11.05 -18.48
CA ARG A 431 -13.71 -9.92 -18.81
C ARG A 431 -14.12 -9.15 -17.56
N ASP A 432 -14.31 -9.84 -16.44
CA ASP A 432 -14.70 -9.17 -15.20
C ASP A 432 -13.67 -8.14 -14.76
N ALA A 433 -12.43 -8.25 -15.22
CA ALA A 433 -11.40 -7.29 -14.83
C ALA A 433 -11.60 -5.92 -15.46
N LEU A 434 -12.42 -5.82 -16.50
CA LEU A 434 -12.70 -4.52 -17.09
C LEU A 434 -13.30 -3.56 -16.09
N SER A 435 -13.93 -4.06 -15.03
CA SER A 435 -14.55 -3.19 -14.03
C SER A 435 -13.56 -2.66 -13.01
N VAL A 436 -12.34 -3.18 -12.97
CA VAL A 436 -11.32 -2.69 -12.04
C VAL A 436 -10.85 -1.32 -12.54
N PRO A 437 -10.94 -0.27 -11.73
CA PRO A 437 -10.51 1.06 -12.20
C PRO A 437 -9.05 1.05 -12.64
N THR A 438 -8.77 1.82 -13.69
CA THR A 438 -7.40 1.97 -14.16
C THR A 438 -6.64 2.95 -13.26
N ASN A 439 -5.37 2.64 -13.01
CA ASN A 439 -4.59 3.46 -12.09
C ASN A 439 -4.45 4.88 -12.61
N GLU A 440 -5.09 5.84 -11.93
CA GLU A 440 -5.07 7.22 -12.40
C GLU A 440 -3.71 7.87 -12.23
N ARG A 441 -2.96 7.49 -11.20
CA ARG A 441 -1.64 8.04 -11.00
C ARG A 441 -0.71 7.69 -12.16
N ALA A 442 -0.88 6.49 -12.72
CA ALA A 442 -0.12 6.09 -13.90
C ALA A 442 -0.64 6.80 -15.15
N ILE A 443 -1.95 7.03 -15.25
CA ILE A 443 -2.49 7.74 -16.41
C ILE A 443 -1.89 9.14 -16.49
N VAL A 444 -1.86 9.85 -15.35
CA VAL A 444 -1.28 11.17 -15.33
C VAL A 444 0.23 11.10 -15.61
N LEU A 445 0.86 9.98 -15.27
CA LEU A 445 2.30 9.86 -15.49
C LEU A 445 2.64 9.92 -16.97
N GLU A 446 1.78 9.41 -17.84
CA GLU A 446 2.06 9.41 -19.27
C GLU A 446 2.24 10.83 -19.79
N GLU A 447 1.64 11.82 -19.14
CA GLU A 447 1.84 13.21 -19.56
C GLU A 447 3.31 13.57 -19.53
N GLU A 448 4.08 13.02 -18.58
CA GLU A 448 5.50 13.35 -18.49
C GLU A 448 6.30 12.73 -19.63
N LEU A 449 5.89 11.56 -20.11
CA LEU A 449 6.56 10.96 -21.26
C LEU A 449 6.31 11.78 -22.52
N GLU A 450 5.10 12.32 -22.66
CA GLU A 450 4.75 13.11 -23.85
C GLU A 450 5.53 14.42 -23.92
N LYS A 451 6.02 14.93 -22.78
CA LYS A 451 6.82 16.14 -22.79
C LYS A 451 8.28 15.84 -23.12
N GLU A 452 8.89 14.91 -22.38
CA GLU A 452 10.29 14.58 -22.62
C GLU A 452 10.48 13.97 -24.00
N PHE A 453 9.62 13.02 -24.37
CA PHE A 453 9.71 12.32 -25.65
C PHE A 453 8.75 12.94 -26.64
N THR A 454 9.18 13.02 -27.90
CA THR A 454 8.36 13.60 -28.95
C THR A 454 8.62 12.90 -30.28
N GLU B 3 22.80 24.65 -3.06
CA GLU B 3 23.94 24.49 -2.16
C GLU B 3 23.91 25.52 -1.06
N SER B 4 24.24 26.77 -1.40
CA SER B 4 24.19 27.85 -0.42
C SER B 4 22.82 27.93 0.21
N LEU B 5 22.80 28.17 1.53
CA LEU B 5 21.53 28.22 2.24
C LEU B 5 20.65 29.34 1.70
N LYS B 6 21.24 30.47 1.34
CA LYS B 6 20.47 31.58 0.82
C LYS B 6 19.80 31.22 -0.50
N ASP B 7 20.48 30.43 -1.33
CA ASP B 7 19.90 30.04 -2.62
C ASP B 7 18.63 29.22 -2.42
N ARG B 8 18.69 28.20 -1.55
CA ARG B 8 17.54 27.34 -1.34
C ARG B 8 16.34 28.12 -0.81
N ILE B 9 16.60 29.08 0.08
CA ILE B 9 15.51 29.92 0.58
C ILE B 9 14.83 30.65 -0.56
N ARG B 10 15.63 31.19 -1.49
CA ARG B 10 15.05 31.85 -2.66
C ARG B 10 14.29 30.85 -3.53
N LEU B 11 14.74 29.61 -3.57
CA LEU B 11 14.07 28.59 -4.37
C LEU B 11 12.71 28.23 -3.78
N TRP B 12 12.68 27.88 -2.49
CA TRP B 12 11.43 27.49 -1.87
C TRP B 12 10.42 28.63 -1.86
N LYS B 13 10.91 29.88 -1.83
CA LYS B 13 10.00 31.01 -1.97
C LYS B 13 9.33 31.00 -3.34
N ARG B 14 10.09 30.72 -4.40
CA ARG B 14 9.51 30.61 -5.73
C ARG B 14 8.47 29.50 -5.78
N LEU B 15 8.77 28.34 -5.20
CA LEU B 15 7.85 27.21 -5.24
C LEU B 15 6.60 27.49 -4.43
N TYR B 16 6.74 28.20 -3.31
CA TYR B 16 5.56 28.52 -2.50
C TYR B 16 4.61 29.45 -3.26
N VAL B 17 5.15 30.40 -4.01
CA VAL B 17 4.30 31.29 -4.81
C VAL B 17 3.54 30.48 -5.86
N ASN B 18 4.29 29.77 -6.73
CA ASN B 18 3.64 29.04 -7.81
C ASN B 18 2.64 28.02 -7.27
N ALA B 19 3.00 27.33 -6.18
CA ALA B 19 2.11 26.32 -5.62
C ALA B 19 0.81 26.93 -5.12
N PHE B 20 0.86 28.17 -4.63
CA PHE B 20 -0.36 28.83 -4.16
C PHE B 20 -1.28 29.20 -5.32
N GLU B 21 -0.69 29.76 -6.38
CA GLU B 21 -1.49 30.10 -7.56
C GLU B 21 -2.03 28.85 -8.25
N ASN B 22 -1.28 27.74 -8.20
CA ASN B 22 -1.76 26.51 -8.80
C ASN B 22 -2.96 25.95 -8.04
N ALA B 23 -3.01 26.15 -6.73
CA ALA B 23 -4.13 25.65 -5.93
C ALA B 23 -5.41 26.41 -6.24
N LEU B 24 -5.32 27.74 -6.40
CA LEU B 24 -6.49 28.53 -6.72
C LEU B 24 -7.18 28.03 -7.98
N ASN B 25 -6.40 27.69 -9.01
CA ASN B 25 -6.96 27.15 -10.24
C ASN B 25 -7.35 25.69 -10.11
N ALA B 26 -6.79 24.96 -9.15
CA ALA B 26 -7.07 23.55 -8.99
C ALA B 26 -8.37 23.32 -8.22
N ILE B 27 -8.64 24.16 -7.21
CA ILE B 27 -9.78 23.92 -6.32
C ILE B 27 -11.10 23.86 -7.09
N PRO B 28 -11.37 24.73 -8.05
CA PRO B 28 -12.68 24.67 -8.74
C PRO B 28 -13.00 23.32 -9.34
N ASN B 29 -12.00 22.48 -9.64
CA ASN B 29 -12.25 21.18 -10.24
C ASN B 29 -12.90 20.18 -9.29
N VAL B 30 -12.92 20.46 -8.00
CA VAL B 30 -13.43 19.51 -7.01
C VAL B 30 -14.94 19.52 -7.05
N LYS B 31 -15.55 18.39 -7.42
CA LYS B 31 -17.00 18.30 -7.47
C LYS B 31 -17.62 18.44 -6.08
N GLY B 32 -17.28 17.53 -5.18
CA GLY B 32 -17.80 17.62 -3.82
C GLY B 32 -16.94 16.82 -2.88
N VAL B 33 -17.14 17.06 -1.58
CA VAL B 33 -16.38 16.38 -0.54
C VAL B 33 -17.34 15.92 0.55
N LEU B 34 -17.13 14.70 1.03
CA LEU B 34 -17.85 14.15 2.17
C LEU B 34 -16.95 14.21 3.40
N LEU B 35 -17.50 14.67 4.52
CA LEU B 35 -16.74 14.83 5.77
C LEU B 35 -17.50 14.16 6.91
N ALA B 36 -16.82 13.23 7.60
CA ALA B 36 -17.42 12.51 8.70
C ALA B 36 -16.30 11.96 9.58
N TYR B 37 -16.59 11.69 10.85
CA TYR B 37 -17.93 11.73 11.47
C TYR B 37 -18.05 12.76 12.60
N ASN B 38 -16.93 13.27 13.10
CA ASN B 38 -16.92 14.02 14.35
C ASN B 38 -17.09 15.52 14.08
N THR B 39 -18.18 16.08 14.60
CA THR B 39 -18.46 17.51 14.49
C THR B 39 -19.03 17.96 15.83
N ASN B 40 -18.56 19.10 16.33
CA ASN B 40 -19.04 19.58 17.61
C ASN B 40 -18.79 21.08 17.70
N ILE B 41 -19.01 21.62 18.90
CA ILE B 41 -18.78 23.02 19.23
C ILE B 41 -17.50 23.09 20.05
N ASP B 42 -16.62 24.04 19.70
CA ASP B 42 -15.40 24.31 20.45
C ASP B 42 -15.54 25.65 21.15
N ALA B 43 -15.37 25.64 22.47
CA ALA B 43 -15.43 26.85 23.30
C ALA B 43 -14.01 27.17 23.74
N ILE B 44 -13.41 28.17 23.09
CA ILE B 44 -12.01 28.51 23.32
C ILE B 44 -11.92 29.56 24.42
N LYS B 45 -11.05 29.31 25.39
CA LYS B 45 -10.77 30.26 26.46
C LYS B 45 -9.27 30.47 26.54
N TYR B 46 -8.84 31.72 26.40
CA TYR B 46 -7.44 32.07 26.52
C TYR B 46 -7.11 32.26 28.00
N LEU B 47 -6.37 31.32 28.57
CA LEU B 47 -6.23 31.23 30.02
C LEU B 47 -5.59 32.49 30.59
N ASP B 48 -6.09 32.89 31.76
CA ASP B 48 -5.52 33.97 32.55
C ASP B 48 -4.91 33.39 33.82
N ALA B 49 -3.67 33.75 34.10
CA ALA B 49 -2.95 33.15 35.23
C ALA B 49 -3.65 33.45 36.55
N ASP B 50 -3.92 34.74 36.81
CA ASP B 50 -4.53 35.12 38.08
C ASP B 50 -5.87 34.43 38.28
N ASP B 51 -6.66 34.29 37.21
CA ASP B 51 -7.95 33.62 37.31
C ASP B 51 -7.77 32.13 37.63
N LEU B 52 -6.78 31.49 37.01
CA LEU B 52 -6.55 30.07 37.25
C LEU B 52 -5.98 29.83 38.63
N GLU B 53 -5.12 30.73 39.12
CA GLU B 53 -4.63 30.61 40.49
C GLU B 53 -5.77 30.64 41.49
N LYS B 54 -6.76 31.50 41.27
CA LYS B 54 -7.91 31.57 42.17
C LYS B 54 -8.61 30.21 42.26
N ARG B 55 -8.94 29.64 41.10
CA ARG B 55 -9.72 28.41 41.08
C ARG B 55 -8.96 27.20 41.61
N VAL B 56 -7.63 27.23 41.58
CA VAL B 56 -6.83 26.13 42.11
C VAL B 56 -6.80 26.19 43.64
N THR B 57 -6.37 27.32 44.19
CA THR B 57 -6.34 27.47 45.64
C THR B 57 -7.75 27.39 46.23
N GLU B 58 -8.76 27.81 45.47
CA GLU B 58 -10.14 27.74 45.93
C GLU B 58 -10.56 26.30 46.19
N LYS B 59 -10.19 25.38 45.31
CA LYS B 59 -10.56 23.97 45.41
C LYS B 59 -9.50 23.11 46.10
N GLY B 60 -8.41 23.72 46.58
CA GLY B 60 -7.36 22.96 47.23
C GLY B 60 -6.16 22.78 46.32
N LYS B 61 -5.09 23.53 46.59
CA LYS B 61 -3.93 23.50 45.70
C LYS B 61 -3.24 22.14 45.74
N GLU B 62 -3.05 21.58 46.94
CA GLU B 62 -2.37 20.29 47.06
C GLU B 62 -3.16 19.19 46.34
N LYS B 63 -4.49 19.28 46.36
CA LYS B 63 -5.29 18.32 45.61
C LYS B 63 -4.96 18.39 44.12
N VAL B 64 -4.91 19.61 43.57
CA VAL B 64 -4.72 19.77 42.13
C VAL B 64 -3.32 19.33 41.71
N PHE B 65 -2.32 19.54 42.57
CA PHE B 65 -0.95 19.25 42.18
C PHE B 65 -0.63 17.77 42.24
N GLU B 66 -1.25 17.02 43.16
CA GLU B 66 -1.07 15.57 43.15
C GLU B 66 -1.67 14.95 41.89
N ILE B 67 -2.64 15.63 41.27
CA ILE B 67 -3.22 15.15 40.03
C ILE B 67 -2.25 15.36 38.87
N ILE B 68 -1.41 16.39 38.94
CA ILE B 68 -0.39 16.59 37.93
C ILE B 68 0.55 15.39 37.88
N GLU B 69 0.97 14.92 39.05
CA GLU B 69 1.85 13.77 39.12
C GLU B 69 1.11 12.46 38.90
N ASN B 70 -0.12 12.35 39.42
CA ASN B 70 -0.92 11.14 39.32
C ASN B 70 -2.21 11.48 38.57
N PRO B 71 -2.14 11.61 37.25
CA PRO B 71 -3.33 12.00 36.48
C PRO B 71 -4.30 10.84 36.34
N PRO B 72 -5.59 11.11 36.35
CA PRO B 72 -6.58 10.07 35.99
C PRO B 72 -6.73 10.01 34.47
N GLU B 73 -7.61 9.12 34.03
CA GLU B 73 -7.88 8.98 32.60
C GLU B 73 -8.92 9.98 32.12
N LYS B 74 -9.79 10.45 33.02
CA LYS B 74 -10.90 11.30 32.66
C LYS B 74 -11.15 12.27 33.80
N ILE B 75 -12.13 13.15 33.61
CA ILE B 75 -12.45 14.19 34.58
C ILE B 75 -13.74 13.78 35.28
N SER B 76 -13.64 13.43 36.56
CA SER B 76 -14.80 13.11 37.38
C SER B 76 -15.00 14.11 38.51
N SER B 77 -14.16 15.16 38.59
CA SER B 77 -14.26 16.16 39.63
C SER B 77 -13.56 17.42 39.15
N ILE B 78 -13.90 18.54 39.80
CA ILE B 78 -13.30 19.81 39.41
C ILE B 78 -11.79 19.77 39.63
N GLU B 79 -11.34 19.08 40.67
CA GLU B 79 -9.90 18.99 40.95
C GLU B 79 -9.16 18.32 39.79
N GLU B 80 -9.75 17.26 39.22
CA GLU B 80 -9.12 16.59 38.09
C GLU B 80 -9.13 17.46 36.84
N LEU B 81 -10.09 18.39 36.74
CA LEU B 81 -10.13 19.31 35.62
C LEU B 81 -8.95 20.28 35.68
N LEU B 82 -8.82 21.00 36.80
CA LEU B 82 -7.72 21.94 36.95
C LEU B 82 -6.36 21.24 36.91
N GLY B 83 -6.27 20.08 37.57
CA GLY B 83 -5.03 19.32 37.53
C GLY B 83 -4.61 18.94 36.12
N GLY B 84 -5.58 18.70 35.25
CA GLY B 84 -5.26 18.38 33.87
C GLY B 84 -4.78 19.58 33.09
N ILE B 85 -5.43 20.74 33.29
CA ILE B 85 -4.99 21.96 32.62
C ILE B 85 -3.56 22.29 33.01
N LEU B 86 -3.27 22.26 34.32
CA LEU B 86 -1.92 22.54 34.79
C LEU B 86 -0.92 21.54 34.22
N ARG B 87 -1.27 20.26 34.22
CA ARG B 87 -0.39 19.25 33.64
C ARG B 87 -0.08 19.56 32.18
N SER B 88 -1.11 19.94 31.40
CA SER B 88 -0.89 20.35 30.02
C SER B 88 0.06 21.54 29.95
N ILE B 89 -0.09 22.50 30.86
CA ILE B 89 0.81 23.66 30.89
C ILE B 89 2.23 23.21 31.21
N LYS B 90 2.39 22.45 32.29
CA LYS B 90 3.72 22.00 32.71
C LYS B 90 4.45 21.28 31.57
N LEU B 91 3.79 20.29 30.98
CA LEU B 91 4.39 19.51 29.91
C LEU B 91 4.35 20.22 28.56
N GLY B 92 3.62 21.33 28.44
CA GLY B 92 3.44 21.94 27.13
C GLY B 92 2.94 20.95 26.11
N LYS B 93 1.96 20.13 26.50
CA LYS B 93 1.49 19.01 25.69
C LYS B 93 0.01 19.16 25.42
N ALA B 94 -0.40 18.86 24.19
CA ALA B 94 -1.82 18.86 23.83
C ALA B 94 -2.49 17.67 24.50
N MET B 95 -3.54 17.94 25.27
CA MET B 95 -4.23 16.90 26.02
C MET B 95 -5.74 17.08 25.89
N GLU B 96 -6.45 15.96 25.94
CA GLU B 96 -7.91 15.96 25.86
C GLU B 96 -8.44 14.90 26.83
N TRP B 97 -9.19 15.34 27.83
CA TRP B 97 -9.81 14.44 28.81
C TRP B 97 -11.32 14.53 28.72
N PHE B 98 -11.98 13.39 28.90
CA PHE B 98 -13.43 13.32 28.81
C PHE B 98 -14.05 13.67 30.15
N VAL B 99 -14.97 14.63 30.14
CA VAL B 99 -15.65 15.09 31.34
C VAL B 99 -16.90 14.22 31.51
N GLU B 100 -16.84 13.27 32.43
CA GLU B 100 -18.00 12.42 32.67
C GLU B 100 -18.90 12.93 33.79
N SER B 101 -18.42 13.86 34.62
CA SER B 101 -19.17 14.37 35.76
C SER B 101 -20.06 15.53 35.33
N GLU B 102 -21.37 15.40 35.58
CA GLU B 102 -22.28 16.48 35.24
C GLU B 102 -22.01 17.73 36.06
N GLU B 103 -21.59 17.57 37.32
CA GLU B 103 -21.26 18.74 38.13
C GLU B 103 -20.12 19.53 37.50
N VAL B 104 -19.12 18.85 36.93
CA VAL B 104 -18.02 19.55 36.28
C VAL B 104 -18.50 20.20 35.00
N ARG B 105 -19.45 19.59 34.29
CA ARG B 105 -19.97 20.19 33.07
C ARG B 105 -20.68 21.51 33.35
N ARG B 106 -21.33 21.63 34.50
CA ARG B 106 -21.93 22.91 34.87
C ARG B 106 -20.87 23.91 35.32
N TYR B 107 -19.79 23.42 35.93
CA TYR B 107 -18.67 24.30 36.28
C TYR B 107 -18.03 24.87 35.03
N LEU B 108 -17.76 24.02 34.03
CA LEU B 108 -17.16 24.48 32.79
C LEU B 108 -18.04 25.53 32.10
N ARG B 109 -19.35 25.29 32.08
CA ARG B 109 -20.26 26.24 31.41
C ARG B 109 -20.32 27.56 32.16
N GLU B 110 -20.24 27.52 33.49
CA GLU B 110 -20.22 28.76 34.26
C GLU B 110 -18.89 29.48 34.11
N TRP B 111 -17.79 28.73 33.97
CA TRP B 111 -16.50 29.33 33.69
C TRP B 111 -16.53 30.11 32.37
N GLY B 112 -17.28 29.62 31.39
CA GLY B 112 -17.51 30.38 30.18
C GLY B 112 -16.44 30.17 29.13
N TRP B 113 -16.41 31.10 28.17
CA TRP B 113 -15.47 31.03 27.06
C TRP B 113 -15.34 32.42 26.46
N ASP B 114 -14.21 32.65 25.78
CA ASP B 114 -13.97 33.91 25.10
C ASP B 114 -14.44 33.90 23.66
N GLU B 115 -14.37 32.76 22.99
CA GLU B 115 -14.75 32.65 21.59
C GLU B 115 -15.37 31.28 21.35
N LEU B 116 -16.38 31.24 20.50
CA LEU B 116 -17.04 30.00 20.12
C LEU B 116 -16.74 29.72 18.65
N ARG B 117 -16.37 28.48 18.34
CA ARG B 117 -15.91 28.13 17.01
C ARG B 117 -16.34 26.71 16.70
N ILE B 118 -16.40 26.39 15.40
CA ILE B 118 -16.72 25.04 14.97
C ILE B 118 -15.65 24.09 15.48
N GLY B 119 -16.06 22.89 15.87
CA GLY B 119 -15.16 21.90 16.43
C GLY B 119 -15.27 20.57 15.69
N GLY B 120 -14.45 19.63 16.14
CA GLY B 120 -14.37 18.33 15.50
C GLY B 120 -13.54 18.37 14.22
N GLN B 121 -12.92 17.24 13.88
CA GLN B 121 -12.08 17.20 12.69
C GLN B 121 -12.91 17.43 11.43
N ALA B 122 -14.04 16.71 11.29
CA ALA B 122 -14.90 16.90 10.14
C ALA B 122 -15.52 18.30 10.14
N GLY B 123 -15.89 18.81 11.32
CA GLY B 123 -16.49 20.13 11.38
C GLY B 123 -15.54 21.22 10.92
N ILE B 124 -14.29 21.17 11.40
CA ILE B 124 -13.31 22.20 11.04
C ILE B 124 -13.01 22.16 9.55
N MET B 125 -12.92 20.96 8.98
CA MET B 125 -12.67 20.85 7.54
C MET B 125 -13.84 21.40 6.74
N ALA B 126 -15.06 21.31 7.27
CA ALA B 126 -16.23 21.80 6.54
C ALA B 126 -16.14 23.31 6.33
N ASN B 127 -15.84 24.05 7.40
CA ASN B 127 -15.68 25.50 7.26
C ASN B 127 -14.48 25.88 6.41
N LEU B 128 -13.48 25.01 6.32
CA LEU B 128 -12.33 25.30 5.48
C LEU B 128 -12.62 24.98 4.02
N LEU B 129 -13.03 23.73 3.74
CA LEU B 129 -13.25 23.31 2.37
C LEU B 129 -14.49 23.98 1.76
N GLY B 130 -15.58 24.05 2.52
CA GLY B 130 -16.78 24.69 2.03
C GLY B 130 -16.75 26.20 2.20
N GLY B 131 -16.26 26.66 3.35
CA GLY B 131 -16.35 28.07 3.68
C GLY B 131 -15.42 28.94 2.85
N VAL B 132 -14.14 28.58 2.80
CA VAL B 132 -13.12 29.44 2.19
C VAL B 132 -12.63 28.88 0.86
N TYR B 133 -12.51 27.56 0.73
CA TYR B 133 -12.16 26.99 -0.58
C TYR B 133 -13.35 26.94 -1.52
N ARG B 134 -14.58 27.04 -0.99
CA ARG B 134 -15.79 27.12 -1.82
C ARG B 134 -16.07 25.81 -2.54
N ILE B 135 -15.77 24.70 -1.88
CA ILE B 135 -16.00 23.37 -2.43
C ILE B 135 -17.30 22.83 -1.86
N PRO B 136 -18.26 22.41 -2.68
CA PRO B 136 -19.45 21.75 -2.13
C PRO B 136 -19.08 20.67 -1.14
N THR B 137 -19.62 20.76 0.08
CA THR B 137 -19.23 19.89 1.18
C THR B 137 -20.47 19.39 1.91
N ILE B 138 -20.52 18.08 2.12
CA ILE B 138 -21.57 17.45 2.90
C ILE B 138 -20.94 16.93 4.17
N VAL B 139 -21.38 17.47 5.31
CA VAL B 139 -20.75 17.22 6.60
C VAL B 139 -21.72 16.46 7.50
N HIS B 140 -21.18 15.50 8.25
CA HIS B 140 -21.94 14.77 9.25
C HIS B 140 -21.93 15.55 10.55
N VAL B 141 -23.12 15.79 11.10
CA VAL B 141 -23.26 16.58 12.33
C VAL B 141 -24.12 15.79 13.31
N PRO B 142 -23.52 15.05 14.25
CA PRO B 142 -24.32 14.21 15.16
C PRO B 142 -25.46 14.95 15.85
N GLN B 143 -25.22 16.18 16.31
CA GLN B 143 -26.22 16.97 17.02
C GLN B 143 -26.17 18.39 16.51
N ASN B 144 -27.29 18.92 16.04
CA ASN B 144 -27.33 20.20 15.34
C ASN B 144 -28.38 21.11 15.96
N PRO B 145 -28.18 21.53 17.19
CA PRO B 145 -29.01 22.60 17.75
C PRO B 145 -28.60 23.95 17.16
N LYS B 146 -29.29 25.00 17.60
CA LYS B 146 -29.02 26.33 17.06
C LYS B 146 -27.59 26.77 17.34
N LEU B 147 -27.11 26.53 18.56
CA LEU B 147 -25.73 26.91 18.90
C LEU B 147 -24.71 26.19 18.02
N GLN B 148 -25.05 25.01 17.49
CA GLN B 148 -24.15 24.26 16.63
C GLN B 148 -24.24 24.73 15.18
N ALA B 149 -25.47 24.90 14.67
CA ALA B 149 -25.65 25.19 13.25
C ALA B 149 -25.08 26.56 12.88
N GLU B 150 -25.15 27.53 13.79
CA GLU B 150 -24.71 28.88 13.45
C GLU B 150 -23.19 29.01 13.39
N LEU B 151 -22.45 28.00 13.83
CA LEU B 151 -21.00 28.04 13.74
C LEU B 151 -20.49 27.72 12.34
N PHE B 152 -21.34 27.18 11.47
CA PHE B 152 -20.97 26.97 10.08
C PHE B 152 -21.07 28.29 9.33
N VAL B 153 -20.03 28.63 8.58
CA VAL B 153 -19.99 29.89 7.84
C VAL B 153 -20.91 29.78 6.63
N ASP B 154 -21.21 30.90 6.01
CA ASP B 154 -21.99 30.89 4.78
C ASP B 154 -21.17 30.29 3.64
N GLY B 155 -21.83 29.49 2.81
CA GLY B 155 -21.17 28.84 1.71
C GLY B 155 -21.81 27.50 1.39
N PRO B 156 -21.22 26.76 0.45
CA PRO B 156 -21.78 25.45 0.06
C PRO B 156 -21.46 24.34 1.05
N ILE B 157 -22.03 24.47 2.25
CA ILE B 157 -21.92 23.45 3.29
C ILE B 157 -23.31 22.88 3.51
N TYR B 158 -23.43 21.57 3.38
CA TYR B 158 -24.73 20.91 3.39
C TYR B 158 -24.75 19.79 4.42
N VAL B 159 -25.96 19.51 4.91
CA VAL B 159 -26.20 18.34 5.76
C VAL B 159 -27.39 17.60 5.18
N PRO B 160 -27.45 16.27 5.26
CA PRO B 160 -28.60 15.55 4.71
C PRO B 160 -29.81 15.61 5.62
N VAL B 161 -30.98 15.78 5.01
CA VAL B 161 -32.25 15.74 5.72
C VAL B 161 -33.28 15.12 4.80
N PHE B 162 -34.32 14.53 5.39
CA PHE B 162 -35.35 13.81 4.64
C PHE B 162 -36.63 14.63 4.61
N GLU B 163 -37.15 14.84 3.40
CA GLU B 163 -38.50 15.37 3.17
C GLU B 163 -39.34 14.19 2.70
N GLY B 164 -40.10 13.59 3.62
CA GLY B 164 -40.79 12.36 3.32
C GLY B 164 -39.81 11.23 3.06
N ASN B 165 -39.74 10.74 1.83
CA ASN B 165 -38.80 9.70 1.45
C ASN B 165 -37.62 10.23 0.65
N LYS B 166 -37.62 11.51 0.30
CA LYS B 166 -36.55 12.10 -0.50
C LYS B 166 -35.55 12.81 0.41
N LEU B 167 -34.28 12.78 0.00
CA LEU B 167 -33.20 13.41 0.73
C LEU B 167 -32.92 14.78 0.12
N LYS B 168 -32.80 15.80 0.97
CA LYS B 168 -32.45 17.14 0.55
C LYS B 168 -31.18 17.56 1.27
N LEU B 169 -30.32 18.31 0.56
CA LEU B 169 -29.07 18.81 1.09
C LEU B 169 -29.23 20.30 1.37
N VAL B 170 -29.21 20.67 2.64
CA VAL B 170 -29.46 22.04 3.07
C VAL B 170 -28.34 22.50 3.98
N HIS B 171 -28.24 23.81 4.14
CA HIS B 171 -27.24 24.39 5.02
C HIS B 171 -27.60 24.06 6.48
N PRO B 172 -26.60 23.78 7.32
CA PRO B 172 -26.92 23.49 8.74
C PRO B 172 -27.86 24.49 9.40
N LYS B 173 -27.75 25.78 9.08
CA LYS B 173 -28.65 26.76 9.66
C LYS B 173 -30.11 26.49 9.31
N ASP B 174 -30.37 25.70 8.27
CA ASP B 174 -31.73 25.40 7.82
C ASP B 174 -32.17 23.99 8.18
N ALA B 175 -31.45 23.31 9.08
CA ALA B 175 -31.82 21.98 9.57
C ALA B 175 -31.67 21.90 11.09
N ILE B 176 -31.93 23.02 11.79
CA ILE B 176 -31.83 23.04 13.23
C ILE B 176 -32.84 22.09 13.85
N ALA B 177 -32.44 21.47 14.97
CA ALA B 177 -33.28 20.50 15.66
C ALA B 177 -33.05 20.62 17.16
N GLU B 178 -34.02 20.09 17.93
CA GLU B 178 -33.96 20.07 19.39
C GLU B 178 -32.98 18.96 19.79
N GLU B 179 -31.70 19.26 19.68
CA GLU B 179 -30.65 18.29 19.90
C GLU B 179 -29.63 18.85 20.89
N GLU B 180 -28.75 17.99 21.36
CA GLU B 180 -27.81 18.34 22.41
C GLU B 180 -26.69 19.23 21.89
N GLU B 181 -26.13 20.04 22.79
CA GLU B 181 -25.00 20.91 22.49
C GLU B 181 -23.72 20.19 22.91
N LEU B 182 -22.92 19.77 21.92
CA LEU B 182 -21.70 19.01 22.16
C LEU B 182 -20.55 20.00 22.25
N ILE B 183 -20.18 20.39 23.46
CA ILE B 183 -19.19 21.44 23.69
C ILE B 183 -17.88 20.80 24.14
N HIS B 184 -16.79 21.17 23.48
CA HIS B 184 -15.43 20.82 23.89
C HIS B 184 -14.76 22.11 24.35
N TYR B 185 -14.45 22.19 25.64
CA TYR B 185 -13.85 23.39 26.21
C TYR B 185 -12.34 23.38 25.93
N ILE B 186 -11.88 24.33 25.13
CA ILE B 186 -10.48 24.44 24.75
C ILE B 186 -9.85 25.54 25.58
N TYR B 187 -8.79 25.21 26.32
CA TYR B 187 -8.09 26.16 27.17
C TYR B 187 -6.73 26.43 26.54
N GLU B 188 -6.60 27.59 25.88
CA GLU B 188 -5.41 27.95 25.14
C GLU B 188 -4.45 28.72 26.03
N PHE B 189 -3.17 28.36 25.99
CA PHE B 189 -2.15 29.07 26.72
C PHE B 189 -0.94 29.27 25.82
N PRO B 190 -0.32 30.44 25.84
CA PRO B 190 0.87 30.66 25.01
C PRO B 190 2.12 30.10 25.66
N ARG B 191 3.22 30.15 24.91
CA ARG B 191 4.51 29.74 25.44
C ARG B 191 4.94 30.72 26.53
N GLY B 192 5.58 30.19 27.57
CA GLY B 192 5.97 30.99 28.71
C GLY B 192 4.85 31.26 29.70
N PHE B 193 3.60 31.04 29.33
CA PHE B 193 2.50 31.20 30.26
C PHE B 193 2.77 30.42 31.54
N GLN B 194 2.65 31.10 32.67
CA GLN B 194 3.11 30.58 33.95
C GLN B 194 2.03 30.75 35.02
N VAL B 195 1.77 29.68 35.77
CA VAL B 195 0.90 29.71 36.93
C VAL B 195 1.65 29.05 38.07
N PHE B 196 1.71 29.71 39.22
CA PHE B 196 2.44 29.22 40.40
C PHE B 196 3.89 28.99 39.97
N ASP B 197 4.42 27.77 40.06
CA ASP B 197 5.79 27.46 39.66
C ASP B 197 5.86 26.77 38.31
N VAL B 198 4.74 26.66 37.61
CA VAL B 198 4.66 25.94 36.35
C VAL B 198 4.79 26.94 35.21
N GLN B 199 5.82 26.77 34.38
CA GLN B 199 5.99 27.59 33.18
C GLN B 199 5.87 26.72 31.95
N ALA B 200 5.04 27.15 31.00
CA ALA B 200 4.77 26.34 29.82
C ALA B 200 5.99 26.34 28.89
N PRO B 201 6.63 25.20 28.64
CA PRO B 201 7.73 25.18 27.64
C PRO B 201 7.31 25.68 26.27
N ARG B 202 6.06 25.45 25.85
CA ARG B 202 5.60 25.86 24.54
C ARG B 202 4.09 26.06 24.59
N GLU B 203 3.55 26.58 23.49
CA GLU B 203 2.12 26.84 23.38
C GLU B 203 1.36 25.55 23.12
N ASN B 204 0.20 25.42 23.73
CA ASN B 204 -0.65 24.25 23.54
C ASN B 204 -1.99 24.52 24.24
N ARG B 205 -2.83 23.50 24.32
CA ARG B 205 -4.15 23.65 24.89
C ARG B 205 -4.55 22.36 25.59
N PHE B 206 -5.45 22.50 26.55
CA PHE B 206 -6.11 21.37 27.21
C PHE B 206 -7.58 21.39 26.82
N ILE B 207 -8.10 20.24 26.39
CA ILE B 207 -9.48 20.12 25.95
C ILE B 207 -10.25 19.30 26.97
N ALA B 208 -11.35 19.87 27.47
CA ALA B 208 -12.26 19.17 28.38
C ALA B 208 -13.46 18.74 27.55
N ASN B 209 -13.51 17.45 27.20
CA ASN B 209 -14.51 16.93 26.29
C ASN B 209 -15.77 16.58 27.06
N ALA B 210 -16.88 17.27 26.74
CA ALA B 210 -18.16 17.07 27.41
C ALA B 210 -19.22 16.61 26.42
N ASP B 211 -18.83 15.73 25.50
CA ASP B 211 -19.65 15.31 24.36
C ASP B 211 -19.82 13.79 24.41
N ASP B 212 -21.04 13.34 24.71
CA ASP B 212 -21.31 11.91 24.82
C ASP B 212 -21.58 11.24 23.47
N TYR B 213 -21.68 12.00 22.38
CA TYR B 213 -22.07 11.46 21.09
C TYR B 213 -20.88 11.08 20.21
N ASN B 214 -19.95 12.01 19.99
CA ASN B 214 -18.73 11.68 19.27
C ASN B 214 -17.87 10.67 20.01
N ALA B 215 -18.02 10.58 21.34
CA ALA B 215 -17.20 9.66 22.12
C ALA B 215 -17.41 8.21 21.74
N ARG B 216 -18.53 7.89 21.11
CA ARG B 216 -18.79 6.54 20.61
C ARG B 216 -19.11 6.54 19.12
N VAL B 217 -18.74 7.60 18.41
CA VAL B 217 -18.97 7.70 16.96
C VAL B 217 -20.45 7.53 16.66
N TYR B 218 -21.29 8.38 17.24
CA TYR B 218 -22.71 8.36 16.92
C TYR B 218 -22.92 8.80 15.48
N MET B 219 -23.83 8.12 14.79
CA MET B 219 -24.15 8.41 13.39
C MET B 219 -25.62 8.75 13.24
N ARG B 220 -25.91 9.84 12.52
CA ARG B 220 -27.28 10.24 12.25
C ARG B 220 -28.01 9.18 11.43
N ARG B 221 -29.32 9.08 11.65
CA ARG B 221 -30.13 8.18 10.84
C ARG B 221 -30.12 8.59 9.37
N GLU B 222 -30.21 9.89 9.09
CA GLU B 222 -30.19 10.35 7.72
C GLU B 222 -28.91 9.93 7.01
N PHE B 223 -27.82 9.80 7.77
CA PHE B 223 -26.53 9.47 7.18
C PHE B 223 -26.40 7.98 6.90
N ARG B 224 -26.83 7.12 7.83
CA ARG B 224 -26.78 5.69 7.59
C ARG B 224 -27.74 5.29 6.48
N GLU B 225 -29.01 5.69 6.61
CA GLU B 225 -30.03 5.23 5.67
C GLU B 225 -29.87 5.87 4.29
N GLY B 226 -29.33 7.08 4.23
CA GLY B 226 -29.24 7.79 2.97
C GLY B 226 -27.80 8.03 2.54
N PHE B 227 -26.89 7.12 2.90
CA PHE B 227 -25.48 7.34 2.57
C PHE B 227 -25.24 7.25 1.07
N GLU B 228 -25.81 6.25 0.40
CA GLU B 228 -25.53 6.08 -1.02
C GLU B 228 -26.02 7.26 -1.84
N GLU B 229 -27.15 7.85 -1.45
CA GLU B 229 -27.64 9.03 -2.15
C GLU B 229 -26.72 10.22 -1.92
N ILE B 230 -26.08 10.29 -0.75
CA ILE B 230 -25.11 11.34 -0.49
C ILE B 230 -23.85 11.12 -1.33
N THR B 231 -23.40 9.86 -1.43
CA THR B 231 -22.17 9.56 -2.14
C THR B 231 -22.26 9.93 -3.63
N ARG B 232 -23.46 9.98 -4.20
CA ARG B 232 -23.59 10.36 -5.59
C ARG B 232 -23.20 11.82 -5.84
N ASN B 233 -23.09 12.63 -4.80
CA ASN B 233 -22.84 14.06 -4.95
C ASN B 233 -21.38 14.45 -4.76
N VAL B 234 -20.52 13.54 -4.30
CA VAL B 234 -19.17 13.92 -3.91
C VAL B 234 -18.15 13.20 -4.80
N GLU B 235 -16.96 13.79 -4.88
CA GLU B 235 -15.80 13.20 -5.52
C GLU B 235 -14.75 12.72 -4.54
N LEU B 236 -14.63 13.37 -3.37
CA LEU B 236 -13.65 13.01 -2.36
C LEU B 236 -14.35 12.80 -1.02
N ALA B 237 -13.69 12.06 -0.15
CA ALA B 237 -14.17 11.85 1.20
C ALA B 237 -13.00 11.87 2.16
N ILE B 238 -13.24 12.39 3.36
CA ILE B 238 -12.24 12.41 4.43
C ILE B 238 -12.91 11.90 5.70
N ILE B 239 -12.36 10.83 6.28
CA ILE B 239 -12.93 10.14 7.42
C ILE B 239 -12.02 10.36 8.62
N SER B 240 -12.63 10.64 9.77
CA SER B 240 -11.89 10.81 11.01
C SER B 240 -12.83 10.56 12.17
N GLY B 241 -12.25 10.54 13.38
CA GLY B 241 -13.01 10.42 14.60
C GLY B 241 -13.12 9.02 15.16
N LEU B 242 -12.52 8.03 14.51
CA LEU B 242 -12.63 6.65 14.97
C LEU B 242 -11.64 6.31 16.08
N GLN B 243 -10.77 7.24 16.47
CA GLN B 243 -9.79 6.94 17.50
C GLN B 243 -10.41 6.72 18.87
N VAL B 244 -11.65 7.17 19.10
CA VAL B 244 -12.26 7.10 20.42
C VAL B 244 -12.82 5.72 20.76
N LEU B 245 -12.90 4.81 19.79
CA LEU B 245 -13.59 3.55 20.02
C LEU B 245 -12.89 2.70 21.07
N LYS B 246 -13.69 2.03 21.90
CA LYS B 246 -13.24 1.02 22.84
C LYS B 246 -13.86 -0.31 22.43
N GLU B 247 -13.52 -1.37 23.17
CA GLU B 247 -13.86 -2.72 22.71
C GLU B 247 -15.32 -3.08 22.98
N TYR B 248 -15.82 -2.77 24.17
CA TYR B 248 -17.17 -3.19 24.56
C TYR B 248 -17.96 -1.99 25.06
N TYR B 249 -19.27 -2.02 24.82
CA TYR B 249 -20.17 -0.96 25.22
C TYR B 249 -21.31 -1.53 26.07
N PRO B 250 -21.96 -0.69 26.89
CA PRO B 250 -22.93 -1.23 27.87
C PRO B 250 -24.11 -1.94 27.23
N ASP B 251 -24.51 -1.57 26.02
CA ASP B 251 -25.67 -2.17 25.39
C ASP B 251 -25.36 -3.51 24.74
N GLY B 252 -24.15 -4.05 24.93
CA GLY B 252 -23.78 -5.32 24.37
C GLY B 252 -23.11 -5.24 23.02
N THR B 253 -23.00 -4.04 22.43
CA THR B 253 -22.33 -3.86 21.15
C THR B 253 -20.82 -3.68 21.37
N THR B 254 -20.06 -3.79 20.28
CA THR B 254 -18.62 -3.72 20.31
C THR B 254 -18.15 -2.69 19.28
N TYR B 255 -16.83 -2.44 19.26
CA TYR B 255 -16.28 -1.57 18.24
C TYR B 255 -16.58 -2.08 16.84
N LYS B 256 -16.77 -3.40 16.70
CA LYS B 256 -17.02 -3.96 15.36
C LYS B 256 -18.36 -3.52 14.82
N ASP B 257 -19.31 -3.19 15.69
CA ASP B 257 -20.59 -2.68 15.20
C ASP B 257 -20.42 -1.33 14.53
N VAL B 258 -19.54 -0.47 15.06
CA VAL B 258 -19.29 0.83 14.44
C VAL B 258 -18.49 0.66 13.17
N LEU B 259 -17.43 -0.15 13.20
CA LEU B 259 -16.56 -0.27 12.04
C LEU B 259 -17.22 -1.06 10.91
N ASP B 260 -18.17 -1.93 11.21
CA ASP B 260 -18.97 -2.54 10.14
C ASP B 260 -19.75 -1.48 9.37
N ARG B 261 -20.30 -0.49 10.09
CA ARG B 261 -20.96 0.61 9.41
C ARG B 261 -19.97 1.43 8.59
N VAL B 262 -18.81 1.72 9.17
CA VAL B 262 -17.77 2.43 8.41
C VAL B 262 -17.37 1.64 7.17
N GLU B 263 -17.14 0.33 7.34
CA GLU B 263 -16.72 -0.47 6.20
C GLU B 263 -17.79 -0.49 5.11
N SER B 264 -19.07 -0.60 5.49
CA SER B 264 -20.15 -0.49 4.52
C SER B 264 -20.08 0.83 3.78
N HIS B 265 -19.87 1.92 4.52
CA HIS B 265 -19.75 3.22 3.88
C HIS B 265 -18.59 3.25 2.89
N LEU B 266 -17.44 2.70 3.30
CA LEU B 266 -16.28 2.66 2.40
C LEU B 266 -16.58 1.86 1.14
N ASN B 267 -17.33 0.76 1.27
CA ASN B 267 -17.70 -0.02 0.10
C ASN B 267 -18.51 0.82 -0.88
N ILE B 268 -19.43 1.64 -0.37
CA ILE B 268 -20.22 2.51 -1.23
C ILE B 268 -19.32 3.54 -1.91
N LEU B 269 -18.36 4.10 -1.17
CA LEU B 269 -17.46 5.10 -1.76
C LEU B 269 -16.64 4.49 -2.88
N ASN B 270 -16.18 3.25 -2.71
CA ASN B 270 -15.38 2.61 -3.75
C ASN B 270 -16.22 2.26 -4.98
N ARG B 271 -17.48 1.89 -4.77
CA ARG B 271 -18.36 1.66 -5.92
C ARG B 271 -18.45 2.89 -6.80
N TYR B 272 -18.65 4.06 -6.21
CA TYR B 272 -18.74 5.31 -6.95
C TYR B 272 -17.39 5.93 -7.22
N ASN B 273 -16.30 5.20 -6.95
CA ASN B 273 -14.94 5.64 -7.28
C ASN B 273 -14.62 6.98 -6.62
N VAL B 274 -15.11 7.16 -5.40
CA VAL B 274 -14.74 8.31 -4.59
C VAL B 274 -13.35 8.07 -4.01
N LYS B 275 -12.53 9.10 -4.00
CA LYS B 275 -11.22 9.03 -3.36
C LYS B 275 -11.37 9.38 -1.89
N SER B 276 -10.88 8.51 -1.01
CA SER B 276 -11.09 8.65 0.42
C SER B 276 -9.76 8.78 1.14
N HIS B 277 -9.73 9.65 2.14
CA HIS B 277 -8.56 9.87 2.98
C HIS B 277 -8.93 9.65 4.43
N PHE B 278 -8.06 8.95 5.16
CA PHE B 278 -8.29 8.62 6.55
C PHE B 278 -7.31 9.38 7.43
N GLU B 279 -7.83 10.14 8.40
CA GLU B 279 -7.01 10.76 9.43
C GLU B 279 -6.83 9.75 10.56
N PHE B 280 -5.63 9.18 10.67
CA PHE B 280 -5.37 8.11 11.63
C PHE B 280 -4.86 8.69 12.93
N ALA B 281 -5.78 9.25 13.70
CA ALA B 281 -5.44 9.82 15.00
C ALA B 281 -5.06 8.71 15.99
N TYR B 282 -4.33 9.10 17.02
CA TYR B 282 -3.84 8.12 17.99
C TYR B 282 -4.99 7.34 18.60
N THR B 283 -4.95 6.02 18.44
CA THR B 283 -6.01 5.11 18.88
C THR B 283 -5.46 4.27 20.02
N ALA B 284 -5.91 4.54 21.24
CA ALA B 284 -5.36 3.89 22.42
C ALA B 284 -5.59 2.38 22.37
N ASN B 285 -6.80 1.96 22.04
CA ASN B 285 -7.12 0.54 22.01
C ASN B 285 -6.39 -0.15 20.86
N ARG B 286 -5.63 -1.20 21.19
CA ARG B 286 -4.82 -1.87 20.17
C ARG B 286 -5.67 -2.71 19.22
N ARG B 287 -6.73 -3.35 19.73
CA ARG B 287 -7.63 -4.10 18.87
C ARG B 287 -8.25 -3.19 17.82
N VAL B 288 -8.83 -2.07 18.24
CA VAL B 288 -9.38 -1.09 17.29
C VAL B 288 -8.29 -0.65 16.33
N ARG B 289 -7.11 -0.32 16.85
CA ARG B 289 -6.04 0.17 16.00
C ARG B 289 -5.70 -0.84 14.92
N GLU B 290 -5.60 -2.12 15.29
CA GLU B 290 -5.36 -3.17 14.31
C GLU B 290 -6.51 -3.25 13.32
N ALA B 291 -7.75 -3.11 13.81
CA ALA B 291 -8.89 -3.16 12.91
C ALA B 291 -8.86 -2.00 11.92
N LEU B 292 -8.39 -0.82 12.35
CA LEU B 292 -8.29 0.31 11.45
C LEU B 292 -7.23 0.07 10.37
N VAL B 293 -6.08 -0.49 10.74
CA VAL B 293 -5.06 -0.81 9.75
C VAL B 293 -5.62 -1.75 8.70
N GLU B 294 -6.44 -2.72 9.14
CA GLU B 294 -7.04 -3.67 8.20
C GLU B 294 -8.01 -3.00 7.23
N LEU B 295 -8.47 -1.78 7.54
CA LEU B 295 -9.39 -1.06 6.66
C LEU B 295 -8.69 -0.11 5.70
N LEU B 296 -7.40 0.15 5.91
CA LEU B 296 -6.70 1.09 5.04
C LEU B 296 -6.69 0.69 3.57
N PRO B 297 -6.67 -0.60 3.20
CA PRO B 297 -6.70 -0.92 1.76
C PRO B 297 -7.90 -0.33 1.04
N LYS B 298 -9.01 -0.11 1.73
CA LYS B 298 -10.18 0.49 1.11
C LYS B 298 -10.10 2.02 1.08
N PHE B 299 -9.06 2.62 1.63
CA PHE B 299 -8.82 4.04 1.51
C PHE B 299 -7.84 4.32 0.37
N THR B 300 -7.88 5.56 -0.12
CA THR B 300 -6.91 6.05 -1.07
C THR B 300 -5.69 6.65 -0.40
N SER B 301 -5.87 7.30 0.75
CA SER B 301 -4.82 8.08 1.38
C SER B 301 -4.99 8.00 2.89
N VAL B 302 -3.91 8.25 3.60
CA VAL B 302 -3.92 8.27 5.07
C VAL B 302 -2.99 9.38 5.54
N GLY B 303 -3.42 10.10 6.58
CA GLY B 303 -2.62 11.14 7.19
C GLY B 303 -2.24 10.75 8.60
N LEU B 304 -1.07 11.19 9.05
CA LEU B 304 -0.61 10.86 10.38
C LEU B 304 0.61 11.70 10.71
N ASN B 305 0.98 11.70 11.98
CA ASN B 305 2.16 12.38 12.49
C ASN B 305 3.10 11.34 13.11
N GLU B 306 4.17 11.83 13.73
CA GLU B 306 5.18 10.92 14.30
C GLU B 306 4.57 10.05 15.40
N VAL B 307 3.71 10.63 16.24
CA VAL B 307 3.11 9.85 17.32
C VAL B 307 2.22 8.75 16.73
N GLU B 308 1.40 9.11 15.75
CA GLU B 308 0.46 8.16 15.17
C GLU B 308 1.17 7.10 14.33
N LEU B 309 2.23 7.50 13.62
CA LEU B 309 2.99 6.53 12.83
C LEU B 309 3.70 5.53 13.74
N ALA B 310 4.35 6.02 14.80
CA ALA B 310 4.97 5.12 15.76
C ALA B 310 3.94 4.17 16.37
N SER B 311 2.78 4.71 16.77
CA SER B 311 1.71 3.89 17.33
C SER B 311 1.35 2.74 16.41
N ILE B 312 1.32 2.99 15.10
CA ILE B 312 1.02 1.95 14.12
C ILE B 312 2.18 0.97 14.00
N MET B 313 3.42 1.48 14.04
CA MET B 313 4.57 0.60 13.96
C MET B 313 4.61 -0.41 15.11
N GLU B 314 3.95 -0.11 16.23
CA GLU B 314 3.88 -1.06 17.33
C GLU B 314 3.04 -2.29 17.01
N ILE B 315 2.24 -2.23 15.94
CA ILE B 315 1.37 -3.33 15.56
C ILE B 315 1.85 -4.07 14.33
N ILE B 316 2.39 -3.34 13.34
CA ILE B 316 2.75 -3.94 12.06
C ILE B 316 4.26 -4.01 11.85
N GLY B 317 5.03 -3.13 12.47
CA GLY B 317 6.48 -3.16 12.33
C GLY B 317 7.17 -3.82 13.49
N ASP B 318 8.23 -3.20 13.99
CA ASP B 318 8.90 -3.64 15.19
C ASP B 318 8.96 -2.48 16.18
N GLU B 319 9.45 -2.77 17.38
CA GLU B 319 9.43 -1.77 18.46
C GLU B 319 10.59 -0.81 18.36
N GLU B 320 11.76 -1.29 17.95
CA GLU B 320 12.89 -0.39 17.74
C GLU B 320 12.50 0.72 16.78
N LEU B 321 11.85 0.37 15.67
CA LEU B 321 11.46 1.38 14.70
C LEU B 321 10.44 2.35 15.27
N ALA B 322 9.49 1.84 16.06
CA ALA B 322 8.47 2.70 16.66
C ALA B 322 9.10 3.82 17.48
N LYS B 323 10.14 3.50 18.25
CA LYS B 323 10.77 4.53 19.07
C LYS B 323 11.65 5.47 18.25
N GLU B 324 12.20 4.99 17.13
CA GLU B 324 12.96 5.88 16.25
C GLU B 324 12.03 6.90 15.58
N VAL B 325 10.85 6.46 15.15
CA VAL B 325 9.88 7.38 14.55
C VAL B 325 9.40 8.38 15.59
N LEU B 326 9.13 7.92 16.81
CA LEU B 326 8.62 8.80 17.85
C LEU B 326 9.59 9.91 18.17
N GLU B 327 10.89 9.69 17.94
CA GLU B 327 11.90 10.71 18.17
C GLU B 327 12.12 11.62 16.96
N GLY B 328 11.48 11.33 15.82
CA GLY B 328 11.53 12.22 14.69
C GLY B 328 12.67 12.02 13.72
N HIS B 329 13.34 10.86 13.74
CA HIS B 329 14.45 10.62 12.82
C HIS B 329 13.89 10.37 11.43
N ILE B 330 14.15 11.30 10.51
CA ILE B 330 13.45 11.29 9.22
C ILE B 330 13.69 9.97 8.50
N PHE B 331 14.92 9.46 8.53
CA PHE B 331 15.19 8.18 7.87
C PHE B 331 14.33 7.07 8.46
N SER B 332 14.04 7.14 9.76
CA SER B 332 13.16 6.14 10.38
C SER B 332 11.70 6.38 10.02
N VAL B 333 11.30 7.64 9.89
CA VAL B 333 9.95 7.96 9.41
C VAL B 333 9.75 7.42 8.00
N ILE B 334 10.73 7.65 7.13
CA ILE B 334 10.64 7.14 5.77
C ILE B 334 10.54 5.61 5.78
N ASP B 335 11.32 4.95 6.64
CA ASP B 335 11.23 3.50 6.74
C ASP B 335 9.84 3.07 7.18
N ALA B 336 9.32 3.70 8.23
CA ALA B 336 8.00 3.32 8.73
C ALA B 336 6.92 3.59 7.69
N MET B 337 7.04 4.66 6.93
CA MET B 337 6.07 4.93 5.86
C MET B 337 6.08 3.80 4.84
N ASN B 338 7.27 3.33 4.45
CA ASN B 338 7.37 2.22 3.52
C ASN B 338 6.88 0.91 4.13
N VAL B 339 7.05 0.73 5.44
CA VAL B 339 6.50 -0.44 6.10
C VAL B 339 4.98 -0.41 6.02
N LEU B 340 4.39 0.75 6.28
CA LEU B 340 2.94 0.88 6.25
C LEU B 340 2.40 0.64 4.84
N MET B 341 3.09 1.15 3.83
CA MET B 341 2.63 0.97 2.45
C MET B 341 2.72 -0.49 2.04
N ASP B 342 3.82 -1.18 2.37
CA ASP B 342 3.96 -2.58 2.02
C ASP B 342 2.94 -3.46 2.72
N GLU B 343 2.51 -3.06 3.92
CA GLU B 343 1.55 -3.85 4.68
C GLU B 343 0.14 -3.69 4.11
N THR B 344 -0.27 -2.46 3.83
CA THR B 344 -1.65 -2.17 3.46
C THR B 344 -1.88 -2.09 1.95
N GLY B 345 -0.85 -1.77 1.17
CA GLY B 345 -1.01 -1.49 -0.24
C GLY B 345 -1.62 -0.14 -0.54
N ILE B 346 -1.70 0.74 0.45
CA ILE B 346 -2.36 2.03 0.25
C ILE B 346 -1.57 2.86 -0.75
N GLU B 347 -2.29 3.71 -1.48
CA GLU B 347 -1.71 4.48 -2.57
C GLU B 347 -0.90 5.67 -2.07
N ARG B 348 -1.32 6.30 -0.98
CA ARG B 348 -0.76 7.58 -0.56
C ARG B 348 -0.67 7.64 0.97
N ILE B 349 0.46 8.15 1.46
CA ILE B 349 0.64 8.43 2.88
C ILE B 349 1.14 9.85 3.03
N HIS B 350 0.47 10.65 3.82
CA HIS B 350 0.88 12.01 4.04
C HIS B 350 1.31 12.14 5.48
N PHE B 351 2.61 12.24 5.73
CA PHE B 351 3.13 12.39 7.07
C PHE B 351 3.45 13.84 7.33
N HIS B 352 3.12 14.34 8.51
CA HIS B 352 3.45 15.71 8.81
C HIS B 352 3.98 15.84 10.22
N THR B 353 4.88 16.78 10.44
CA THR B 353 5.43 17.03 11.74
C THR B 353 5.92 18.46 11.80
N TYR B 354 6.50 18.85 12.90
CA TYR B 354 7.04 20.20 13.06
C TYR B 354 8.23 20.38 12.14
N GLY B 355 8.07 21.22 11.11
CA GLY B 355 9.15 21.64 10.26
C GLY B 355 9.06 21.13 8.82
N TYR B 356 8.43 19.98 8.59
CA TYR B 356 8.37 19.45 7.24
C TYR B 356 7.21 18.47 7.10
N TYR B 357 6.82 18.25 5.85
CA TYR B 357 5.86 17.22 5.47
C TYR B 357 6.54 16.20 4.58
N LEU B 358 6.07 14.95 4.65
CA LEU B 358 6.48 13.91 3.72
C LEU B 358 5.25 13.30 3.08
N ALA B 359 5.37 12.95 1.81
CA ALA B 359 4.31 12.24 1.10
C ALA B 359 4.93 11.08 0.35
N LEU B 360 4.46 9.87 0.65
CA LEU B 360 4.87 8.67 -0.07
C LEU B 360 3.70 8.20 -0.92
N THR B 361 3.95 7.96 -2.21
CA THR B 361 2.92 7.51 -3.13
C THR B 361 3.47 6.38 -3.99
N GLN B 362 2.53 5.61 -4.55
CA GLN B 362 2.87 4.58 -5.53
C GLN B 362 1.76 4.53 -6.57
N GLY B 363 2.12 4.07 -7.77
CA GLY B 363 1.21 4.07 -8.90
C GLY B 363 1.91 4.55 -10.16
N GLY B 364 2.79 5.53 -9.98
CA GLY B 364 3.71 5.95 -11.03
C GLY B 364 5.13 5.79 -10.54
N GLY B 365 5.43 4.62 -9.98
CA GLY B 365 6.63 4.43 -9.21
C GLY B 365 6.45 4.91 -7.77
N ARG B 366 7.33 4.42 -6.90
CA ARG B 366 7.24 4.79 -5.49
C ARG B 366 7.96 6.13 -5.29
N GLN B 367 7.19 7.18 -5.04
CA GLN B 367 7.70 8.54 -5.00
C GLN B 367 7.62 9.08 -3.58
N LEU B 368 8.66 9.83 -3.18
CA LEU B 368 8.72 10.48 -1.88
C LEU B 368 8.85 11.98 -2.11
N ALA B 369 7.94 12.76 -1.52
CA ALA B 369 7.97 14.21 -1.62
C ALA B 369 8.31 14.80 -0.25
N PHE B 370 9.05 15.91 -0.26
CA PHE B 370 9.47 16.57 0.96
C PHE B 370 9.33 18.07 0.78
N VAL B 371 8.70 18.73 1.75
CA VAL B 371 8.62 20.19 1.73
C VAL B 371 8.94 20.72 3.12
N PRO B 372 9.71 21.79 3.25
CA PRO B 372 9.85 22.44 4.56
C PRO B 372 8.69 23.38 4.84
N THR B 373 8.18 23.32 6.06
CA THR B 373 6.99 24.08 6.39
C THR B 373 7.36 25.48 6.90
N LYS B 374 6.33 26.28 7.12
CA LYS B 374 6.46 27.62 7.65
C LYS B 374 5.88 27.65 9.05
N ILE B 375 6.71 28.01 10.03
CA ILE B 375 6.32 27.98 11.44
C ILE B 375 6.03 29.40 11.90
N VAL B 376 4.88 29.57 12.53
CA VAL B 376 4.48 30.86 13.08
C VAL B 376 5.12 31.04 14.46
N ALA B 377 5.64 32.23 14.71
CA ALA B 377 6.28 32.52 16.00
C ALA B 377 5.27 32.40 17.14
N SER B 378 4.31 33.33 17.19
CA SER B 378 3.31 33.37 18.26
C SER B 378 1.94 33.05 17.67
N PRO B 379 1.50 31.79 17.68
CA PRO B 379 0.20 31.46 17.10
C PRO B 379 -0.96 31.84 18.01
N LYS B 380 -2.07 32.24 17.38
CA LYS B 380 -3.28 32.55 18.15
C LYS B 380 -3.91 31.29 18.71
N SER B 381 -4.05 30.25 17.89
CA SER B 381 -4.68 29.00 18.30
C SER B 381 -3.82 27.83 17.86
N THR B 382 -3.90 26.74 18.61
CA THR B 382 -3.20 25.51 18.30
C THR B 382 -4.20 24.37 18.10
N VAL B 383 -5.34 24.69 17.51
CA VAL B 383 -6.45 23.74 17.36
C VAL B 383 -6.77 23.60 15.88
N GLY B 384 -7.01 22.37 15.44
CA GLY B 384 -7.42 22.11 14.08
C GLY B 384 -6.37 22.38 13.03
N ILE B 385 -5.14 22.73 13.42
CA ILE B 385 -4.11 22.99 12.43
C ILE B 385 -3.82 21.73 11.62
N GLY B 386 -3.76 20.58 12.29
CA GLY B 386 -3.52 19.34 11.57
C GLY B 386 -4.64 19.00 10.60
N ASP B 387 -5.89 19.26 11.01
CA ASP B 387 -7.01 19.04 10.10
C ASP B 387 -6.89 19.90 8.84
N THR B 388 -6.27 21.07 8.95
CA THR B 388 -6.04 21.92 7.78
C THR B 388 -4.99 21.33 6.86
N ILE B 389 -4.02 20.61 7.40
CA ILE B 389 -2.90 20.09 6.60
C ILE B 389 -3.38 18.97 5.70
N SER B 390 -3.83 17.86 6.29
CA SER B 390 -4.17 16.68 5.50
C SER B 390 -5.25 16.99 4.46
N SER B 391 -6.28 17.73 4.87
CA SER B 391 -7.40 17.99 3.96
C SER B 391 -6.98 18.91 2.82
N SER B 392 -6.17 19.93 3.11
CA SER B 392 -5.79 20.87 2.08
C SER B 392 -4.94 20.19 1.00
N ALA B 393 -3.99 19.35 1.42
CA ALA B 393 -3.13 18.67 0.45
C ALA B 393 -3.88 17.58 -0.30
N PHE B 394 -4.82 16.90 0.37
CA PHE B 394 -5.59 15.85 -0.29
C PHE B 394 -6.51 16.44 -1.35
N VAL B 395 -7.19 17.54 -1.02
CA VAL B 395 -8.09 18.19 -1.96
C VAL B 395 -7.31 18.77 -3.13
N SER B 396 -6.12 19.34 -2.86
CA SER B 396 -5.37 20.02 -3.90
C SER B 396 -4.77 19.03 -4.90
N GLU B 397 -4.37 17.85 -4.44
CA GLU B 397 -3.73 16.88 -5.32
C GLU B 397 -4.74 16.17 -6.19
N PHE B 398 -5.64 15.40 -5.58
CA PHE B 398 -6.59 14.60 -6.35
C PHE B 398 -7.57 15.48 -7.09
N GLY B 399 -8.25 16.37 -6.37
CA GLY B 399 -9.12 17.33 -7.02
C GLY B 399 -8.32 18.51 -7.55
N GLY B 400 -8.41 18.76 -8.85
CA GLY B 400 -7.64 19.81 -9.49
C GLY B 400 -6.39 19.33 -10.18
N GLY B 401 -5.96 18.10 -9.92
CA GLY B 401 -4.82 17.54 -10.62
C GLY B 401 -3.51 18.23 -10.33
N GLY B 402 -3.40 18.89 -9.18
CA GLY B 402 -2.14 19.47 -8.78
C GLY B 402 -1.10 18.39 -8.49
N GLY B 403 0.16 18.82 -8.44
CA GLY B 403 1.23 17.92 -8.10
C GLY B 403 1.27 17.59 -6.62
N VAL B 404 1.95 16.49 -6.30
CA VAL B 404 2.10 16.09 -4.90
C VAL B 404 2.84 17.17 -4.13
N ARG B 405 3.92 17.71 -4.71
CA ARG B 405 4.73 18.69 -3.99
C ARG B 405 3.95 19.99 -3.78
N ASP B 406 3.39 20.54 -4.86
CA ASP B 406 2.63 21.78 -4.73
C ASP B 406 1.48 21.65 -3.74
N ALA B 407 0.87 20.46 -3.65
CA ALA B 407 -0.21 20.27 -2.70
C ALA B 407 0.28 20.37 -1.27
N LEU B 408 1.45 19.79 -0.98
CA LEU B 408 2.01 19.93 0.36
C LEU B 408 2.35 21.38 0.66
N LEU B 409 2.88 22.11 -0.33
CA LEU B 409 3.22 23.51 -0.12
C LEU B 409 1.99 24.34 0.18
N PHE B 410 0.89 24.09 -0.54
CA PHE B 410 -0.34 24.83 -0.27
C PHE B 410 -0.88 24.50 1.11
N ALA B 411 -0.85 23.22 1.49
CA ALA B 411 -1.29 22.84 2.83
C ALA B 411 -0.44 23.51 3.90
N SER B 412 0.84 23.77 3.61
CA SER B 412 1.70 24.40 4.60
C SER B 412 1.34 25.87 4.79
N LEU B 413 0.97 26.55 3.71
CA LEU B 413 0.51 27.94 3.83
C LEU B 413 -0.79 28.01 4.61
N ALA B 414 -1.74 27.12 4.31
CA ALA B 414 -2.99 27.10 5.06
C ALA B 414 -2.74 26.84 6.54
N ALA B 415 -1.79 25.96 6.85
CA ALA B 415 -1.48 25.67 8.24
C ALA B 415 -0.93 26.90 8.94
N ALA B 416 -0.03 27.63 8.28
CA ALA B 416 0.52 28.85 8.87
C ALA B 416 -0.54 29.92 9.00
N ALA B 417 -1.37 30.10 7.97
CA ALA B 417 -2.44 31.09 8.03
C ALA B 417 -3.41 30.79 9.15
N LYS B 418 -3.77 29.51 9.32
CA LYS B 418 -4.64 29.12 10.42
C LYS B 418 -3.99 29.42 11.76
N ALA B 419 -2.69 29.22 11.86
CA ALA B 419 -2.00 29.39 13.13
C ALA B 419 -1.92 30.85 13.54
N MET B 420 -1.65 31.74 12.58
CA MET B 420 -1.45 33.15 12.90
C MET B 420 -2.74 33.96 12.91
N LYS B 421 -3.86 33.36 12.51
CA LYS B 421 -5.14 34.04 12.50
C LYS B 421 -6.22 33.35 13.32
N GLY B 422 -5.95 32.15 13.85
CA GLY B 422 -6.90 31.46 14.69
C GLY B 422 -8.03 30.80 13.90
N ASN B 423 -8.67 31.58 13.04
CA ASN B 423 -9.72 31.08 12.17
C ASN B 423 -9.50 31.65 10.78
N LEU B 424 -9.95 30.90 9.77
CA LEU B 424 -9.80 31.28 8.37
C LEU B 424 -11.17 31.52 7.77
N GLU B 425 -11.33 32.67 7.12
CA GLU B 425 -12.59 33.07 6.50
C GLU B 425 -12.52 33.24 5.00
N ARG B 426 -11.39 33.72 4.47
CA ARG B 426 -11.23 33.95 3.05
C ARG B 426 -9.94 33.31 2.57
N ILE B 427 -9.96 32.80 1.34
CA ILE B 427 -8.77 32.14 0.79
C ILE B 427 -7.63 33.13 0.62
N GLU B 428 -7.95 34.40 0.37
CA GLU B 428 -6.91 35.41 0.22
C GLU B 428 -6.06 35.54 1.48
N GLN B 429 -6.58 35.11 2.63
CA GLN B 429 -5.81 35.16 3.86
C GLN B 429 -4.60 34.23 3.81
N ILE B 430 -4.69 33.15 3.03
CA ILE B 430 -3.59 32.21 2.92
C ILE B 430 -2.41 32.84 2.19
N ARG B 431 -2.68 33.77 1.25
CA ARG B 431 -1.58 34.45 0.57
C ARG B 431 -0.70 35.21 1.56
N ASP B 432 -1.28 35.70 2.66
CA ASP B 432 -0.49 36.37 3.67
C ASP B 432 0.58 35.45 4.25
N ALA B 433 0.31 34.15 4.30
CA ALA B 433 1.27 33.19 4.84
C ALA B 433 2.56 33.12 4.04
N LEU B 434 2.60 33.70 2.84
CA LEU B 434 3.83 33.69 2.06
C LEU B 434 4.95 34.43 2.76
N SER B 435 4.60 35.40 3.63
CA SER B 435 5.61 36.15 4.36
C SER B 435 6.13 35.42 5.60
N VAL B 436 5.52 34.31 5.96
CA VAL B 436 6.01 33.56 7.13
C VAL B 436 7.31 32.86 6.76
N PRO B 437 8.35 32.94 7.59
CA PRO B 437 9.64 32.34 7.20
C PRO B 437 9.54 30.83 7.06
N THR B 438 10.25 30.30 6.06
CA THR B 438 10.34 28.86 5.86
C THR B 438 11.39 28.27 6.81
N ASN B 439 11.03 27.16 7.46
CA ASN B 439 11.91 26.54 8.44
C ASN B 439 13.29 26.27 7.85
N GLU B 440 14.30 27.01 8.31
CA GLU B 440 15.65 26.86 7.75
C GLU B 440 16.23 25.48 8.07
N ARG B 441 15.94 24.96 9.27
CA ARG B 441 16.48 23.65 9.65
C ARG B 441 15.94 22.55 8.76
N ALA B 442 14.71 22.72 8.24
CA ALA B 442 14.13 21.72 7.35
C ALA B 442 14.65 21.86 5.93
N ILE B 443 14.98 23.09 5.50
CA ILE B 443 15.58 23.28 4.19
C ILE B 443 16.90 22.55 4.11
N VAL B 444 17.76 22.72 5.13
CA VAL B 444 19.05 22.05 5.15
C VAL B 444 18.87 20.54 5.19
N LEU B 445 17.79 20.06 5.83
CA LEU B 445 17.60 18.63 5.98
C LEU B 445 17.42 17.94 4.63
N GLU B 446 16.90 18.64 3.64
CA GLU B 446 16.69 18.03 2.33
C GLU B 446 18.00 17.60 1.68
N GLU B 447 19.11 18.22 2.08
CA GLU B 447 20.42 17.84 1.54
C GLU B 447 20.70 16.40 1.88
N GLU B 448 20.63 16.08 3.17
CA GLU B 448 20.82 14.71 3.61
C GLU B 448 19.87 13.73 2.92
N LEU B 449 18.61 14.09 2.74
CA LEU B 449 17.70 13.27 2.00
C LEU B 449 18.25 12.96 0.61
N GLU B 450 18.74 13.98 -0.11
CA GLU B 450 19.28 13.77 -1.47
C GLU B 450 20.44 12.75 -1.67
N LYS B 451 21.18 12.36 -0.63
CA LYS B 451 22.23 11.36 -0.76
C LYS B 451 21.95 10.18 0.16
C1 GOL C . 31.79 -13.12 -10.24
O1 GOL C . 32.08 -12.96 -11.63
C2 GOL C . 32.17 -14.53 -9.80
O2 GOL C . 33.25 -15.00 -10.58
C3 GOL C . 32.55 -14.55 -8.32
O3 GOL C . 33.95 -14.76 -8.20
C1 GOL D . -1.85 -35.68 3.48
O1 GOL D . -1.47 -34.36 3.80
C2 GOL D . -0.75 -36.37 2.70
O2 GOL D . -1.33 -37.12 1.65
C3 GOL D . 0.06 -37.28 3.62
O3 GOL D . 1.35 -37.47 3.10
C1 GOL E . 7.57 -20.94 -4.27
O1 GOL E . 7.40 -20.63 -5.64
C2 GOL E . 8.64 -22.02 -4.09
O2 GOL E . 8.09 -23.28 -4.38
C3 GOL E . 9.84 -21.74 -4.98
O3 GOL E . 10.54 -20.63 -4.51
C1 GOL F . 0.12 -29.44 -32.07
O1 GOL F . 0.57 -28.27 -31.40
C2 GOL F . 0.25 -30.66 -31.16
O2 GOL F . 0.21 -30.27 -29.81
C3 GOL F . -0.89 -31.64 -31.43
O3 GOL F . -0.76 -32.77 -30.60
C1 GOL G . 2.38 -36.90 15.42
O1 GOL G . 1.85 -35.62 15.63
C2 GOL G . 3.86 -36.91 15.82
O2 GOL G . 4.23 -35.64 16.32
C3 GOL G . 4.73 -37.29 14.62
O3 GOL G . 6.08 -37.04 14.92
C1 GOL H . 8.10 -13.36 -15.18
O1 GOL H . 8.17 -14.26 -14.10
C2 GOL H . 9.20 -12.32 -15.08
O2 GOL H . 8.73 -11.19 -14.37
C3 GOL H . 10.42 -12.89 -14.36
O3 GOL H . 10.02 -13.52 -13.15
S SO4 I . -7.35 4.71 -8.91
O1 SO4 I . -6.43 3.57 -8.91
O2 SO4 I . -6.67 5.85 -9.51
O3 SO4 I . -7.72 5.06 -7.54
O4 SO4 I . -8.55 4.37 -9.66
O5' AT4 J . 4.90 -10.02 -9.26
C5' AT4 J . 4.40 -8.77 -8.87
C4' AT4 J . 3.79 -8.08 -10.08
O4' AT4 J . 2.38 -8.25 -10.07
C3' AT4 J . 4.07 -6.60 -10.08
O3' AT4 J . 5.17 -6.33 -10.94
C2' AT4 J . 2.78 -5.96 -10.48
C1' AT4 J . 1.72 -7.03 -10.32
N1 AT4 J . -3.18 -6.33 -8.65
C2 AT4 J . -2.74 -6.64 -9.87
N3 AT4 J . -1.45 -6.78 -10.15
C4 AT4 J . -0.49 -6.65 -9.21
C5 AT4 J . -0.91 -6.32 -7.85
C6 AT4 J . -2.36 -6.17 -7.61
N6 AT4 J . -2.82 -5.87 -6.38
N7 AT4 J . 0.19 -6.23 -7.11
C8 AT4 J . 1.26 -6.49 -7.92
N9 AT4 J . 0.84 -6.72 -9.18
O2' AT4 J . 2.83 -5.52 -11.83
PA AT4 J . 6.44 -10.17 -9.59
O2A AT4 J . 6.85 -9.11 -10.56
O1A AT4 J . 7.20 -10.38 -8.32
O3A AT4 J . 6.47 -11.57 -10.31
PB AT4 J . 6.06 -12.83 -9.42
O1B AT4 J . 5.95 -14.04 -10.26
O2B AT4 J . 7.20 -13.05 -8.30
S3B AT4 J . 4.21 -12.55 -8.57
C1 GOL K . -22.20 32.24 27.54
O1 GOL K . -22.85 33.43 27.19
C2 GOL K . -21.11 32.54 28.57
O2 GOL K . -21.16 31.57 29.58
C3 GOL K . -19.73 32.54 27.90
O3 GOL K . -18.87 33.43 28.57
C1 GOL L . -2.66 12.08 -9.25
O1 GOL L . -1.95 12.80 -8.26
C2 GOL L . -3.93 11.48 -8.63
O2 GOL L . -5.08 12.08 -9.22
C3 GOL L . -3.96 9.97 -8.85
O3 GOL L . -5.09 9.42 -8.23
C1 GOL M . 12.90 13.91 -4.27
O1 GOL M . 13.24 12.93 -5.24
C2 GOL M . 12.96 13.28 -2.88
O2 GOL M . 14.01 12.35 -2.80
C3 GOL M . 13.17 14.38 -1.83
O3 GOL M . 14.40 15.03 -2.04
C1 GOL N . 1.17 -3.59 -2.15
O1 GOL N . 1.07 -4.20 -0.89
C2 GOL N . 2.61 -3.13 -2.37
O2 GOL N . 2.91 -2.08 -1.48
C3 GOL N . 2.78 -2.65 -3.82
O3 GOL N . 4.15 -2.50 -4.08
C1 GLC O . -10.36 16.83 18.69
C2 GLC O . -11.21 17.48 19.77
C3 GLC O . -12.06 18.59 19.22
C4 GLC O . -11.23 19.53 18.38
C5 GLC O . -10.44 18.75 17.37
C6 GLC O . -9.60 19.70 16.57
O1 GLC O . -11.22 16.26 17.73
O2 GLC O . -12.05 16.47 20.32
O3 GLC O . -12.59 19.35 20.28
O4 GLC O . -12.06 20.43 17.70
O5 GLC O . -9.61 17.83 18.04
O6 GLC O . -8.70 18.92 15.82
O5' AT4 P . -1.42 18.88 14.04
C5' AT4 P . -0.29 19.61 14.46
C4' AT4 P . 0.48 19.98 13.22
O4' AT4 P . 0.34 21.37 12.95
C3' AT4 P . 1.95 19.73 13.41
O3' AT4 P . 2.31 18.42 12.97
C2' AT4 P . 2.60 20.83 12.61
C1' AT4 P . 1.56 21.92 12.47
N1 AT4 P . 2.89 26.98 12.56
C2 AT4 P . 2.51 26.23 11.52
N3 AT4 P . 2.20 24.94 11.65
C4 AT4 P . 2.23 24.31 12.83
C5 AT4 P . 2.62 25.08 13.99
C6 AT4 P . 2.96 26.49 13.79
N6 AT4 P . 3.33 27.25 14.84
N7 AT4 P . 2.58 24.25 15.03
C8 AT4 P . 2.19 23.04 14.58
N9 AT4 P . 1.97 23.08 13.26
O2' AT4 P . 2.96 20.37 11.32
PA AT4 P . -1.67 17.40 14.58
O2A AT4 P . -1.85 16.47 13.42
O1A AT4 P . -2.72 17.45 15.63
O3A AT4 P . -0.28 17.10 15.28
PB AT4 P . -0.16 17.25 16.87
O1B AT4 P . 1.27 16.67 17.34
O2B AT4 P . -1.25 16.45 17.47
S3B AT4 P . -0.31 19.22 17.46
#